data_7BUP
#
_entry.id   7BUP
#
_cell.length_a   78.520
_cell.length_b   78.910
_cell.length_c   150.900
_cell.angle_alpha   90.000
_cell.angle_beta   90.000
_cell.angle_gamma   90.000
#
_symmetry.space_group_name_H-M   'P 21 21 21'
#
loop_
_entity.id
_entity.type
_entity.pdbx_description
1 polymer 'Proliferating cell nuclear antigen'
2 water water
#
_entity_poly.entity_id   1
_entity_poly.type   'polypeptide(L)'
_entity_poly.pdbx_seq_one_letter_code
;MLEGKFEEAALLKKVVEAIKDCVKKCNFNCSEHGITVQAVDDSRVLLVSLLIGQTSFSEYRCDRDVTLGIDLESFSKIIK
SANNEDFLTLLAEDSPDQIMAILEEKQKEKISEYSLKLMDIDSEFLQIDDMEYDAVVNMPSSDFAKLVRDLKNLSESLRV
VVTKDSVKFTSEGDSGSGSVILKPYTNLKNERESVTISLDDPVDLTFGLKYLNDIVKAATLSDVITIKLADKTPALFEFK
MQSGGYLRFYLAPKFDDDELEHHHHHH
;
_entity_poly.pdbx_strand_id   A,B,C
#
# COMPACT_ATOMS: atom_id res chain seq x y z
N MET A 1 19.66 -0.29 -38.96
CA MET A 1 18.87 -1.30 -38.25
C MET A 1 19.25 -1.42 -36.75
N LEU A 2 18.44 -2.15 -35.99
CA LEU A 2 18.72 -2.33 -34.56
C LEU A 2 18.30 -3.73 -34.13
N GLU A 3 19.21 -4.42 -33.44
CA GLU A 3 18.90 -5.68 -32.80
C GLU A 3 19.73 -5.70 -31.52
N GLY A 4 19.10 -5.42 -30.38
CA GLY A 4 19.84 -5.41 -29.14
C GLY A 4 19.25 -6.39 -28.14
N LYS A 5 19.99 -7.40 -27.72
CA LYS A 5 19.49 -8.32 -26.71
C LYS A 5 20.14 -7.99 -25.38
N PHE A 6 19.32 -7.90 -24.33
CA PHE A 6 19.79 -7.79 -22.96
C PHE A 6 19.73 -9.15 -22.30
N GLU A 7 20.71 -9.44 -21.46
CA GLU A 7 20.61 -10.62 -20.61
C GLU A 7 19.45 -10.49 -19.64
N GLU A 8 19.20 -9.28 -19.15
CA GLU A 8 18.13 -9.07 -18.18
C GLU A 8 17.37 -7.81 -18.55
N ALA A 9 16.06 -7.85 -18.33
CA ALA A 9 15.22 -6.69 -18.63
C ALA A 9 15.29 -5.63 -17.55
N ALA A 10 15.97 -5.92 -16.43
CA ALA A 10 15.98 -4.99 -15.30
C ALA A 10 16.44 -3.59 -15.70
N LEU A 11 17.50 -3.50 -16.51
CA LEU A 11 18.09 -2.20 -16.78
C LEU A 11 17.15 -1.29 -17.55
N LEU A 12 16.59 -1.79 -18.64
CA LEU A 12 15.67 -0.98 -19.42
C LEU A 12 14.44 -0.61 -18.59
N LYS A 13 13.94 -1.54 -17.77
CA LYS A 13 12.77 -1.26 -16.93
C LYS A 13 13.03 -0.10 -15.99
N LYS A 14 14.15 -0.15 -15.28
CA LYS A 14 14.54 0.92 -14.39
C LYS A 14 14.72 2.23 -15.16
N VAL A 15 15.36 2.19 -16.34
CA VAL A 15 15.61 3.42 -17.10
C VAL A 15 14.29 4.09 -17.47
N VAL A 16 13.36 3.31 -18.05
CA VAL A 16 12.10 3.89 -18.50
C VAL A 16 11.33 4.47 -17.33
N GLU A 17 11.36 3.80 -16.18
CA GLU A 17 10.63 4.29 -15.03
C GLU A 17 11.26 5.57 -14.50
N ALA A 18 12.58 5.67 -14.55
CA ALA A 18 13.26 6.82 -13.98
C ALA A 18 12.95 8.10 -14.75
N ILE A 19 12.72 8.02 -16.05
CA ILE A 19 12.57 9.22 -16.86
C ILE A 19 11.16 9.44 -17.34
N LYS A 20 10.27 8.47 -17.24
CA LYS A 20 8.97 8.62 -17.89
C LYS A 20 8.17 9.78 -17.32
N ASP A 21 8.47 10.20 -16.09
CA ASP A 21 7.70 11.27 -15.47
C ASP A 21 8.16 12.62 -15.97
N CYS A 22 9.49 12.84 -16.01
CA CYS A 22 10.02 14.15 -16.41
C CYS A 22 9.87 14.37 -17.92
N VAL A 23 9.79 13.29 -18.68
CA VAL A 23 9.89 13.31 -20.14
C VAL A 23 8.81 12.37 -20.66
N LYS A 24 7.88 12.90 -21.45
CA LYS A 24 6.81 12.01 -21.87
C LYS A 24 7.15 11.32 -23.19
N LYS A 25 7.97 11.96 -24.03
CA LYS A 25 8.36 11.42 -25.32
C LYS A 25 9.84 11.73 -25.53
N CYS A 26 10.50 10.88 -26.30
CA CYS A 26 11.90 11.15 -26.56
C CYS A 26 12.42 10.26 -27.68
N ASN A 27 13.49 10.73 -28.32
CA ASN A 27 14.15 9.95 -29.36
C ASN A 27 15.23 9.08 -28.75
N PHE A 28 15.21 7.80 -29.12
CA PHE A 28 16.27 6.86 -28.83
C PHE A 28 17.21 6.86 -30.05
N ASN A 29 18.46 7.24 -29.86
CA ASN A 29 19.46 7.33 -30.93
C ASN A 29 20.38 6.10 -30.88
N CYS A 30 20.16 5.14 -31.78
CA CYS A 30 20.96 3.91 -31.88
C CYS A 30 22.14 4.10 -32.84
N SER A 31 23.25 3.48 -32.50
CA SER A 31 24.52 3.72 -33.17
C SER A 31 25.33 2.43 -33.07
N GLU A 32 26.51 2.44 -33.68
CA GLU A 32 27.46 1.35 -33.48
C GLU A 32 27.92 1.23 -32.02
N HIS A 33 27.81 2.31 -31.23
CA HIS A 33 28.28 2.38 -29.85
C HIS A 33 27.18 2.26 -28.77
N GLY A 34 25.91 2.12 -29.15
CA GLY A 34 24.85 1.96 -28.16
C GLY A 34 23.66 2.86 -28.42
N ILE A 35 22.87 3.10 -27.37
CA ILE A 35 21.60 3.82 -27.48
C ILE A 35 21.67 5.07 -26.61
N THR A 36 21.23 6.19 -27.18
CA THR A 36 21.36 7.51 -26.59
C THR A 36 19.98 8.15 -26.45
N VAL A 37 19.83 9.01 -25.44
CA VAL A 37 18.67 9.87 -25.34
C VAL A 37 19.10 11.25 -24.83
N GLN A 38 18.70 12.28 -25.54
CA GLN A 38 18.85 13.66 -25.11
C GLN A 38 17.49 14.31 -25.17
N ALA A 39 16.97 14.72 -24.02
CA ALA A 39 15.63 15.27 -23.99
C ALA A 39 15.58 16.44 -23.01
N VAL A 40 14.61 17.32 -23.23
CA VAL A 40 14.39 18.49 -22.38
C VAL A 40 12.97 18.45 -21.88
N ASP A 41 12.75 18.93 -20.65
CA ASP A 41 11.39 18.93 -20.11
C ASP A 41 10.56 20.00 -20.81
N ASP A 42 9.24 19.96 -20.57
CA ASP A 42 8.35 20.97 -21.13
C ASP A 42 8.74 22.38 -20.67
N SER A 43 9.16 22.52 -19.41
CA SER A 43 9.58 23.80 -18.86
C SER A 43 10.92 24.30 -19.43
N ARG A 44 11.64 23.47 -20.21
CA ARG A 44 12.95 23.82 -20.76
C ARG A 44 13.97 24.20 -19.68
N VAL A 45 13.95 23.45 -18.56
CA VAL A 45 14.77 23.68 -17.37
C VAL A 45 15.64 22.46 -17.08
N LEU A 46 15.16 21.27 -17.44
CA LEU A 46 15.82 20.01 -17.11
C LEU A 46 16.26 19.32 -18.40
N LEU A 47 17.54 18.98 -18.49
CA LEU A 47 18.08 18.23 -19.62
C LEU A 47 18.44 16.81 -19.17
N VAL A 48 17.84 15.81 -19.82
CA VAL A 48 18.04 14.39 -19.51
C VAL A 48 18.95 13.80 -20.58
N SER A 49 20.04 13.17 -20.14
CA SER A 49 21.01 12.60 -21.08
C SER A 49 21.26 11.17 -20.66
N LEU A 50 20.96 10.25 -21.57
CA LEU A 50 21.04 8.82 -21.28
C LEU A 50 22.00 8.17 -22.26
N LEU A 51 22.80 7.23 -21.77
CA LEU A 51 23.61 6.41 -22.65
C LEU A 51 23.54 4.98 -22.14
N ILE A 52 23.06 4.07 -22.97
CA ILE A 52 23.14 2.65 -22.73
C ILE A 52 24.18 2.14 -23.72
N GLY A 53 25.39 1.88 -23.24
CA GLY A 53 26.45 1.44 -24.13
C GLY A 53 26.25 0.03 -24.63
N GLN A 54 26.89 -0.29 -25.76
CA GLN A 54 26.77 -1.64 -26.30
C GLN A 54 27.25 -2.68 -25.30
N THR A 55 28.08 -2.29 -24.35
CA THR A 55 28.55 -3.24 -23.36
C THR A 55 27.43 -3.68 -22.41
N SER A 56 26.34 -2.91 -22.32
CA SER A 56 25.20 -3.33 -21.51
C SER A 56 24.45 -4.49 -22.11
N PHE A 57 24.69 -4.81 -23.38
CA PHE A 57 23.99 -5.86 -24.09
C PHE A 57 24.85 -7.12 -24.13
N SER A 58 24.17 -8.26 -24.21
CA SER A 58 24.85 -9.49 -24.57
C SER A 58 25.02 -9.59 -26.08
N GLU A 59 24.11 -9.02 -26.85
CA GLU A 59 24.22 -9.01 -28.30
C GLU A 59 23.71 -7.67 -28.79
N TYR A 60 24.46 -7.01 -29.66
CA TYR A 60 24.06 -5.68 -30.11
C TYR A 60 24.58 -5.46 -31.53
N ARG A 61 23.66 -5.36 -32.49
CA ARG A 61 23.96 -5.06 -33.88
C ARG A 61 23.23 -3.78 -34.28
N CYS A 62 23.96 -2.77 -34.75
CA CYS A 62 23.34 -1.54 -35.28
C CYS A 62 24.19 -1.13 -36.48
N ASP A 63 23.97 -1.82 -37.62
CA ASP A 63 24.82 -1.56 -38.78
C ASP A 63 24.66 -0.14 -39.27
N ARG A 64 23.48 0.47 -39.11
CA ARG A 64 23.25 1.85 -39.53
C ARG A 64 22.35 2.58 -38.54
N ASP A 65 22.76 3.80 -38.20
CA ASP A 65 22.08 4.57 -37.16
C ASP A 65 20.59 4.65 -37.47
N VAL A 66 19.79 4.75 -36.41
CA VAL A 66 18.34 4.87 -36.53
C VAL A 66 17.82 5.62 -35.31
N THR A 67 16.79 6.43 -35.54
CA THR A 67 16.16 7.20 -34.48
C THR A 67 14.78 6.61 -34.17
N LEU A 68 14.47 6.41 -32.88
CA LEU A 68 13.19 5.84 -32.45
C LEU A 68 12.46 6.84 -31.57
N GLY A 69 11.41 7.46 -32.10
CA GLY A 69 10.63 8.40 -31.33
C GLY A 69 9.58 7.65 -30.54
N ILE A 70 9.68 7.64 -29.21
CA ILE A 70 8.87 6.74 -28.39
C ILE A 70 8.08 7.54 -27.38
N ASP A 71 6.78 7.23 -27.26
CA ASP A 71 5.95 7.78 -26.19
C ASP A 71 6.25 6.97 -24.93
N LEU A 72 6.84 7.60 -23.92
CA LEU A 72 7.41 6.79 -22.85
C LEU A 72 6.34 6.12 -22.01
N GLU A 73 5.16 6.74 -21.87
CA GLU A 73 4.09 6.09 -21.12
C GLU A 73 3.64 4.81 -21.83
N SER A 74 3.44 4.87 -23.14
CA SER A 74 3.04 3.66 -23.87
C SER A 74 4.09 2.57 -23.70
N PHE A 75 5.37 2.93 -23.91
CA PHE A 75 6.47 2.00 -23.73
C PHE A 75 6.52 1.47 -22.31
N SER A 76 6.20 2.31 -21.33
CA SER A 76 6.20 1.90 -19.94
C SER A 76 5.20 0.78 -19.68
N LYS A 77 4.03 0.82 -20.32
CA LYS A 77 3.03 -0.24 -20.11
C LYS A 77 3.53 -1.56 -20.67
N ILE A 78 4.33 -1.51 -21.73
CA ILE A 78 4.88 -2.73 -22.28
C ILE A 78 6.01 -3.26 -21.40
N ILE A 79 7.01 -2.40 -21.11
CA ILE A 79 8.22 -2.88 -20.44
C ILE A 79 7.97 -3.28 -18.99
N LYS A 80 7.01 -2.65 -18.32
CA LYS A 80 6.62 -3.08 -16.96
C LYS A 80 6.19 -4.53 -16.93
N SER A 81 5.60 -5.04 -18.04
CA SER A 81 5.16 -6.43 -18.09
C SER A 81 6.29 -7.41 -17.83
N ALA A 82 7.54 -7.00 -18.04
CA ALA A 82 8.64 -7.95 -17.99
C ALA A 82 9.09 -8.21 -16.57
N ASN A 83 9.51 -9.45 -16.31
CA ASN A 83 10.26 -9.75 -15.10
C ASN A 83 11.68 -9.19 -15.25
N ASN A 84 12.32 -8.91 -14.10
CA ASN A 84 13.68 -8.39 -14.15
C ASN A 84 14.63 -9.38 -14.81
N GLU A 85 14.39 -10.68 -14.67
CA GLU A 85 15.34 -11.67 -15.18
C GLU A 85 15.06 -12.11 -16.59
N ASP A 86 14.00 -11.61 -17.22
CA ASP A 86 13.66 -11.97 -18.59
C ASP A 86 14.75 -11.53 -19.56
N PHE A 87 15.03 -12.38 -20.55
CA PHE A 87 15.67 -11.89 -21.75
C PHE A 87 14.81 -10.80 -22.39
N LEU A 88 15.45 -9.72 -22.86
CA LEU A 88 14.74 -8.65 -23.54
C LEU A 88 15.48 -8.27 -24.82
N THR A 89 14.82 -8.41 -25.97
CA THR A 89 15.38 -7.98 -27.26
C THR A 89 14.61 -6.79 -27.82
N LEU A 90 15.34 -5.73 -28.18
CA LEU A 90 14.76 -4.60 -28.89
C LEU A 90 15.06 -4.73 -30.38
N LEU A 91 14.04 -4.56 -31.22
CA LEU A 91 14.19 -4.66 -32.68
C LEU A 91 13.60 -3.44 -33.38
N ALA A 92 14.34 -2.90 -34.35
CA ALA A 92 13.79 -1.88 -35.25
C ALA A 92 14.46 -2.00 -36.62
N GLU A 93 13.67 -1.84 -37.68
CA GLU A 93 14.20 -1.89 -39.04
C GLU A 93 14.62 -0.50 -39.49
N ASP A 94 15.31 -0.45 -40.63
CA ASP A 94 15.69 0.85 -41.19
C ASP A 94 14.45 1.63 -41.57
N SER A 95 14.51 2.93 -41.33
CA SER A 95 13.36 3.80 -41.48
C SER A 95 12.12 3.23 -40.82
N PRO A 96 12.14 3.08 -39.49
CA PRO A 96 11.10 2.29 -38.81
C PRO A 96 9.86 3.11 -38.49
N ASP A 97 8.71 2.45 -38.53
CA ASP A 97 7.50 3.02 -37.97
C ASP A 97 7.14 2.42 -36.61
N GLN A 98 7.83 1.38 -36.17
CA GLN A 98 7.52 0.83 -34.85
C GLN A 98 8.79 0.26 -34.23
N ILE A 99 8.72 0.00 -32.91
CA ILE A 99 9.78 -0.72 -32.19
C ILE A 99 9.19 -2.04 -31.69
N MET A 100 9.99 -3.11 -31.75
CA MET A 100 9.57 -4.44 -31.30
C MET A 100 10.33 -4.82 -30.03
N ALA A 101 9.61 -5.37 -29.06
CA ALA A 101 10.21 -5.83 -27.81
C ALA A 101 9.83 -7.28 -27.63
N ILE A 102 10.83 -8.16 -27.51
CA ILE A 102 10.60 -9.59 -27.34
C ILE A 102 11.11 -9.97 -25.95
N LEU A 103 10.22 -10.57 -25.14
CA LEU A 103 10.56 -11.03 -23.80
C LEU A 103 10.54 -12.55 -23.79
N GLU A 104 11.57 -13.15 -23.22
CA GLU A 104 11.68 -14.60 -23.09
C GLU A 104 11.92 -14.94 -21.63
N GLU A 105 11.05 -15.81 -21.06
CA GLU A 105 11.16 -16.16 -19.65
C GLU A 105 12.24 -17.23 -19.47
N LYS A 106 13.08 -17.03 -18.43
CA LYS A 106 14.19 -17.94 -18.16
C LYS A 106 13.68 -19.34 -17.80
N GLN A 107 12.70 -19.42 -16.91
CA GLN A 107 12.33 -20.69 -16.28
C GLN A 107 10.95 -21.17 -16.71
N LYS A 108 10.50 -20.78 -17.89
CA LYS A 108 9.17 -21.17 -18.34
C LYS A 108 9.17 -21.15 -19.86
N GLU A 109 8.11 -21.72 -20.43
CA GLU A 109 7.91 -21.71 -21.88
C GLU A 109 6.98 -20.56 -22.26
N LYS A 110 7.47 -19.33 -22.07
CA LYS A 110 6.66 -18.14 -22.31
C LYS A 110 7.48 -17.13 -23.08
N ILE A 111 6.99 -16.77 -24.27
CA ILE A 111 7.59 -15.71 -25.08
C ILE A 111 6.52 -14.66 -25.32
N SER A 112 6.88 -13.40 -25.09
CA SER A 112 6.00 -12.26 -25.32
C SER A 112 6.60 -11.34 -26.37
N GLU A 113 5.79 -10.95 -27.36
CA GLU A 113 6.24 -10.08 -28.43
C GLU A 113 5.33 -8.86 -28.48
N TYR A 114 5.91 -7.69 -28.33
CA TYR A 114 5.19 -6.43 -28.31
C TYR A 114 5.69 -5.56 -29.45
N SER A 115 4.81 -4.71 -29.99
CA SER A 115 5.16 -3.72 -31.00
C SER A 115 4.50 -2.40 -30.62
N LEU A 116 5.29 -1.32 -30.55
CA LEU A 116 4.73 0.01 -30.29
C LEU A 116 5.00 0.92 -31.48
N LYS A 117 3.96 1.59 -31.96
CA LYS A 117 4.12 2.51 -33.07
C LYS A 117 5.02 3.67 -32.65
N LEU A 118 5.88 4.12 -33.56
CA LEU A 118 6.71 5.28 -33.27
C LEU A 118 5.95 6.58 -33.56
N MET A 119 6.41 7.67 -32.92
CA MET A 119 6.07 9.04 -33.27
C MET A 119 7.30 9.74 -33.83
N ASP A 120 7.09 10.87 -34.52
CA ASP A 120 8.21 11.68 -34.98
C ASP A 120 8.41 12.80 -33.96
N ILE A 121 9.59 12.81 -33.34
CA ILE A 121 9.99 13.86 -32.40
C ILE A 121 11.13 14.63 -33.03
N ASP A 122 11.24 15.89 -32.63
CA ASP A 122 12.26 16.81 -33.11
C ASP A 122 13.39 16.86 -32.08
N SER A 123 14.60 16.51 -32.53
CA SER A 123 15.80 16.67 -31.69
C SER A 123 16.23 18.12 -31.61
N MET A 131 31.84 21.94 -18.45
CA MET A 131 32.63 20.70 -18.32
C MET A 131 33.37 20.62 -17.01
N GLU A 132 33.88 21.76 -16.54
CA GLU A 132 34.61 21.82 -15.29
C GLU A 132 33.71 22.49 -14.24
N TYR A 133 33.76 21.98 -13.00
CA TYR A 133 32.82 22.34 -11.95
C TYR A 133 33.57 22.82 -10.70
N ASP A 134 32.92 23.65 -9.89
CA ASP A 134 33.55 24.19 -8.68
C ASP A 134 33.63 23.16 -7.55
N ALA A 135 32.59 22.33 -7.39
CA ALA A 135 32.54 21.31 -6.35
C ALA A 135 31.85 20.07 -6.91
N VAL A 136 32.22 18.89 -6.40
CA VAL A 136 31.56 17.65 -6.74
C VAL A 136 31.35 16.83 -5.47
N VAL A 137 30.10 16.43 -5.25
CA VAL A 137 29.67 15.67 -4.08
C VAL A 137 29.32 14.26 -4.54
N ASN A 138 29.76 13.26 -3.78
CA ASN A 138 29.27 11.89 -3.94
C ASN A 138 28.54 11.48 -2.66
N MET A 139 27.36 10.89 -2.81
CA MET A 139 26.62 10.41 -1.64
C MET A 139 25.70 9.28 -2.10
N PRO A 140 25.17 8.48 -1.16
CA PRO A 140 24.22 7.44 -1.59
C PRO A 140 23.00 8.07 -2.22
N SER A 141 22.57 7.53 -3.36
CA SER A 141 21.38 8.05 -4.00
C SER A 141 20.16 7.92 -3.08
N SER A 142 20.09 6.85 -2.27
CA SER A 142 18.93 6.69 -1.40
C SER A 142 18.85 7.84 -0.40
N ASP A 143 20.00 8.24 0.17
CA ASP A 143 20.00 9.37 1.11
C ASP A 143 19.57 10.66 0.43
N PHE A 144 20.08 10.91 -0.77
CA PHE A 144 19.69 12.13 -1.46
C PHE A 144 18.22 12.09 -1.86
N ALA A 145 17.70 10.92 -2.24
CA ALA A 145 16.28 10.82 -2.57
C ALA A 145 15.42 11.11 -1.34
N LYS A 146 15.88 10.67 -0.17
CA LYS A 146 15.10 10.82 1.05
C LYS A 146 15.04 12.28 1.47
N LEU A 147 16.19 12.94 1.50
CA LEU A 147 16.19 14.34 1.89
C LEU A 147 15.43 15.21 0.91
N VAL A 148 15.43 14.87 -0.38
CA VAL A 148 14.66 15.65 -1.34
C VAL A 148 13.18 15.56 -1.01
N ARG A 149 12.71 14.35 -0.73
CA ARG A 149 11.29 14.14 -0.44
C ARG A 149 10.92 14.79 0.88
N ASP A 150 11.74 14.55 1.90
CA ASP A 150 11.47 15.12 3.21
C ASP A 150 11.42 16.64 3.18
N LEU A 151 12.38 17.29 2.49
CA LEU A 151 12.38 18.74 2.53
C LEU A 151 11.37 19.33 1.55
N LYS A 152 10.87 18.54 0.61
CA LYS A 152 9.84 19.05 -0.26
C LYS A 152 8.58 19.38 0.53
N ASN A 153 8.42 18.73 1.69
CA ASN A 153 7.26 18.99 2.53
C ASN A 153 7.29 20.39 3.12
N LEU A 154 8.44 21.06 3.09
CA LEU A 154 8.55 22.37 3.70
C LEU A 154 8.58 23.50 2.69
N SER A 155 9.02 23.25 1.46
CA SER A 155 9.28 24.35 0.55
C SER A 155 9.33 23.85 -0.87
N GLU A 156 9.29 24.79 -1.79
CA GLU A 156 9.46 24.48 -3.19
C GLU A 156 10.90 24.59 -3.64
N SER A 157 11.82 24.96 -2.73
CA SER A 157 13.20 25.25 -3.09
C SER A 157 14.16 24.56 -2.13
N LEU A 158 15.28 24.06 -2.67
CA LEU A 158 16.32 23.42 -1.87
C LEU A 158 17.59 24.22 -2.09
N ARG A 159 18.06 24.88 -1.04
CA ARG A 159 19.35 25.55 -1.06
C ARG A 159 20.47 24.56 -0.78
N VAL A 160 21.55 24.65 -1.55
CA VAL A 160 22.69 23.74 -1.44
C VAL A 160 23.95 24.58 -1.23
N VAL A 161 24.71 24.27 -0.17
CA VAL A 161 25.89 25.05 0.24
C VAL A 161 27.00 24.07 0.58
N VAL A 162 28.04 24.07 -0.23
CA VAL A 162 29.14 23.11 -0.15
C VAL A 162 30.39 23.87 0.28
N THR A 163 31.08 23.34 1.27
CA THR A 163 32.38 23.79 1.75
C THR A 163 33.28 22.56 1.84
N LYS A 164 34.52 22.76 2.31
CA LYS A 164 35.42 21.61 2.37
C LYS A 164 34.99 20.64 3.45
N ASP A 165 34.29 21.12 4.47
CA ASP A 165 34.01 20.28 5.60
C ASP A 165 32.55 19.83 5.68
N SER A 166 31.71 20.23 4.72
CA SER A 166 30.30 19.92 4.88
C SER A 166 29.54 20.15 3.59
N VAL A 167 28.37 19.53 3.53
CA VAL A 167 27.33 19.85 2.57
C VAL A 167 26.05 20.17 3.34
N LYS A 168 25.36 21.24 2.96
CA LYS A 168 24.20 21.68 3.73
C LYS A 168 23.02 21.96 2.79
N PHE A 169 21.95 21.19 2.97
CA PHE A 169 20.69 21.35 2.26
C PHE A 169 19.67 21.99 3.18
N THR A 170 19.08 23.12 2.76
CA THR A 170 18.09 23.86 3.55
C THR A 170 16.84 24.09 2.74
N SER A 171 15.72 24.20 3.45
CA SER A 171 14.39 24.35 2.86
C SER A 171 13.52 25.07 3.88
N GLU A 172 12.98 26.24 3.50
CA GLU A 172 12.21 27.10 4.39
C GLU A 172 10.80 27.33 3.86
N GLY A 173 9.88 27.46 4.80
CA GLY A 173 8.51 27.72 4.42
C GLY A 173 7.67 28.13 5.62
N ASP A 174 6.35 28.15 5.42
CA ASP A 174 5.43 28.58 6.48
C ASP A 174 5.15 27.48 7.51
N SER A 175 5.51 26.24 7.22
CA SER A 175 5.39 25.17 8.20
C SER A 175 6.74 24.85 8.87
N GLY A 176 7.69 25.77 8.84
CA GLY A 176 8.97 25.58 9.47
C GLY A 176 10.11 25.43 8.46
N SER A 177 11.34 25.59 8.97
CA SER A 177 12.55 25.45 8.17
C SER A 177 13.30 24.17 8.56
N GLY A 178 14.08 23.69 7.61
CA GLY A 178 14.77 22.44 7.85
C GLY A 178 16.08 22.44 7.13
N SER A 179 17.10 21.91 7.76
CA SER A 179 18.40 21.83 7.17
C SER A 179 19.01 20.46 7.44
N VAL A 180 19.59 19.85 6.40
CA VAL A 180 20.27 18.55 6.50
C VAL A 180 21.75 18.78 6.23
N ILE A 181 22.60 18.36 7.16
CA ILE A 181 24.04 18.65 7.07
C ILE A 181 24.80 17.33 7.03
N LEU A 182 25.55 17.11 5.95
CA LEU A 182 26.37 15.91 5.79
C LEU A 182 27.84 16.29 5.86
N LYS A 183 28.62 15.54 6.65
CA LYS A 183 30.04 15.80 6.85
C LYS A 183 30.87 14.63 6.37
N PRO A 184 32.07 14.88 5.79
CA PRO A 184 32.96 13.76 5.46
C PRO A 184 33.58 13.10 6.70
N TYR A 185 33.48 13.76 7.87
CA TYR A 185 34.17 13.37 9.10
C TYR A 185 33.22 12.61 10.02
N SER A 194 29.62 8.40 4.54
CA SER A 194 28.46 9.32 4.48
C SER A 194 28.40 10.24 3.25
N VAL A 195 29.51 10.94 2.95
CA VAL A 195 29.61 11.86 1.82
C VAL A 195 31.08 12.07 1.45
N THR A 196 31.37 12.42 0.20
CA THR A 196 32.70 12.86 -0.16
C THR A 196 32.58 14.19 -0.88
N ILE A 197 33.58 15.05 -0.69
CA ILE A 197 33.50 16.42 -1.19
C ILE A 197 34.83 16.78 -1.83
N SER A 198 34.77 17.35 -3.03
CA SER A 198 35.95 17.87 -3.69
C SER A 198 35.62 19.24 -4.28
N LEU A 199 36.38 20.24 -3.89
CA LEU A 199 36.00 21.60 -4.23
C LEU A 199 37.20 22.47 -4.56
N ASP A 200 37.03 23.31 -5.57
CA ASP A 200 37.91 24.46 -5.77
C ASP A 200 37.39 25.66 -4.97
N ASP A 201 36.14 26.05 -5.25
CA ASP A 201 35.37 27.17 -4.74
C ASP A 201 34.25 26.66 -3.84
N PRO A 202 33.89 27.37 -2.79
CA PRO A 202 32.61 27.06 -2.13
C PRO A 202 31.44 27.32 -3.08
N VAL A 203 30.30 26.67 -2.80
CA VAL A 203 29.14 26.72 -3.69
C VAL A 203 27.87 27.02 -2.87
N ASP A 204 26.97 27.83 -3.45
CA ASP A 204 25.71 28.25 -2.81
C ASP A 204 24.67 28.46 -3.91
N LEU A 205 23.88 27.42 -4.17
CA LEU A 205 22.92 27.38 -5.26
C LEU A 205 21.58 26.90 -4.72
N THR A 206 20.49 27.29 -5.39
CA THR A 206 19.14 26.91 -5.00
C THR A 206 18.45 26.28 -6.20
N PHE A 207 17.74 25.16 -5.99
CA PHE A 207 17.10 24.40 -7.06
C PHE A 207 15.64 24.10 -6.74
N GLY A 208 14.81 24.01 -7.78
CA GLY A 208 13.40 23.71 -7.60
C GLY A 208 13.19 22.26 -7.18
N LEU A 209 12.53 22.03 -6.03
CA LEU A 209 12.39 20.66 -5.54
C LEU A 209 11.44 19.83 -6.40
N LYS A 210 10.60 20.49 -7.20
CA LYS A 210 9.73 19.75 -8.11
C LYS A 210 10.56 18.96 -9.10
N TYR A 211 11.67 19.56 -9.58
CA TYR A 211 12.55 18.88 -10.53
C TYR A 211 13.42 17.85 -9.84
N LEU A 212 14.00 18.21 -8.69
CA LEU A 212 14.82 17.26 -7.95
C LEU A 212 14.00 16.02 -7.59
N ASN A 213 12.70 16.20 -7.34
CA ASN A 213 11.86 15.06 -7.00
C ASN A 213 11.78 14.09 -8.16
N ASP A 214 11.83 14.59 -9.39
CA ASP A 214 11.86 13.71 -10.55
C ASP A 214 13.24 13.09 -10.75
N ILE A 215 14.32 13.85 -10.48
CA ILE A 215 15.68 13.36 -10.69
C ILE A 215 15.97 12.17 -9.79
N VAL A 216 15.54 12.24 -8.53
CA VAL A 216 15.96 11.19 -7.60
C VAL A 216 15.30 9.86 -7.87
N LYS A 217 14.32 9.80 -8.78
CA LYS A 217 13.79 8.51 -9.17
C LYS A 217 14.85 7.63 -9.81
N ALA A 218 15.92 8.24 -10.32
CA ALA A 218 16.96 7.41 -10.92
C ALA A 218 17.80 6.72 -9.90
N ALA A 219 17.49 6.82 -8.61
CA ALA A 219 18.28 6.11 -7.61
C ALA A 219 18.24 4.61 -7.80
N THR A 220 17.33 4.13 -8.63
CA THR A 220 17.25 2.69 -8.85
C THR A 220 18.44 2.19 -9.66
N LEU A 221 19.09 3.09 -10.40
CA LEU A 221 20.13 2.70 -11.35
C LEU A 221 21.50 2.62 -10.72
N SER A 222 21.64 3.11 -9.50
CA SER A 222 22.96 3.30 -8.91
C SER A 222 22.82 3.65 -7.44
N ASP A 223 23.64 2.99 -6.62
CA ASP A 223 23.64 3.31 -5.19
C ASP A 223 24.30 4.67 -4.91
N VAL A 224 25.14 5.17 -5.82
CA VAL A 224 25.86 6.43 -5.62
C VAL A 224 25.28 7.47 -6.57
N ILE A 225 25.07 8.68 -6.07
CA ILE A 225 24.78 9.81 -6.94
C ILE A 225 25.97 10.76 -6.92
N THR A 226 26.39 11.21 -8.09
CA THR A 226 27.44 12.21 -8.20
C THR A 226 26.81 13.55 -8.57
N ILE A 227 27.02 14.56 -7.74
CA ILE A 227 26.44 15.88 -7.96
C ILE A 227 27.58 16.85 -8.23
N LYS A 228 27.54 17.54 -9.34
CA LYS A 228 28.57 18.49 -9.69
C LYS A 228 27.95 19.84 -9.83
N LEU A 229 28.49 20.81 -9.12
CA LEU A 229 27.94 22.15 -9.16
C LEU A 229 28.93 23.25 -9.50
N ALA A 230 28.42 24.33 -10.07
CA ALA A 230 29.25 25.45 -10.41
C ALA A 230 28.45 26.74 -10.28
N ASP A 231 29.13 27.82 -9.89
CA ASP A 231 28.57 29.16 -9.70
C ASP A 231 27.28 29.57 -10.38
N LYS A 232 27.21 29.53 -11.70
CA LYS A 232 25.92 29.78 -12.33
C LYS A 232 25.84 28.90 -13.53
N THR A 233 26.03 27.63 -13.27
CA THR A 233 26.02 26.63 -14.28
C THR A 233 25.01 25.59 -13.94
N PRO A 234 24.45 24.93 -14.94
CA PRO A 234 23.57 23.80 -14.61
C PRO A 234 24.33 22.78 -13.76
N ALA A 235 23.71 22.35 -12.66
CA ALA A 235 24.30 21.26 -11.88
C ALA A 235 24.09 19.92 -12.58
N LEU A 236 25.07 19.03 -12.47
CA LEU A 236 24.98 17.69 -13.01
C LEU A 236 24.62 16.71 -11.90
N PHE A 237 23.63 15.87 -12.15
CA PHE A 237 23.26 14.78 -11.26
C PHE A 237 23.49 13.50 -12.05
N GLU A 238 24.52 12.75 -11.68
CA GLU A 238 24.99 11.62 -12.48
C GLU A 238 24.73 10.31 -11.77
N PHE A 239 24.16 9.37 -12.51
CA PHE A 239 23.94 8.00 -12.02
C PHE A 239 24.67 7.07 -12.97
N LYS A 240 25.82 6.52 -12.56
CA LYS A 240 26.59 5.65 -13.44
C LYS A 240 26.02 4.24 -13.38
N MET A 241 25.60 3.70 -14.51
CA MET A 241 25.23 2.29 -14.58
C MET A 241 26.51 1.45 -14.68
N GLN A 242 26.70 0.50 -13.78
CA GLN A 242 27.93 -0.27 -13.80
C GLN A 242 27.98 -1.29 -14.93
N SER A 243 26.90 -1.44 -15.69
CA SER A 243 26.92 -2.11 -16.99
C SER A 243 27.72 -1.34 -18.05
N GLY A 244 27.76 -0.01 -17.99
CA GLY A 244 28.67 0.72 -18.86
C GLY A 244 28.15 2.03 -19.45
N GLY A 245 26.91 2.35 -19.09
CA GLY A 245 26.29 3.60 -19.46
C GLY A 245 26.12 4.63 -18.33
N TYR A 246 25.15 5.53 -18.47
CA TYR A 246 24.86 6.48 -17.40
C TYR A 246 23.50 7.12 -17.66
N LEU A 247 22.95 7.75 -16.63
CA LEU A 247 21.79 8.63 -16.75
C LEU A 247 22.15 9.93 -16.06
N ARG A 248 22.11 11.03 -16.81
CA ARG A 248 22.53 12.34 -16.32
C ARG A 248 21.40 13.36 -16.40
N PHE A 249 21.25 14.16 -15.35
CA PHE A 249 20.28 15.24 -15.33
C PHE A 249 21.02 16.56 -15.14
N TYR A 250 20.75 17.53 -15.99
CA TYR A 250 21.32 18.85 -15.86
C TYR A 250 20.20 19.81 -15.49
N LEU A 251 20.40 20.55 -14.40
CA LEU A 251 19.34 21.40 -13.89
C LEU A 251 19.91 22.76 -13.53
N ALA A 252 19.30 23.82 -14.06
CA ALA A 252 19.79 25.16 -13.78
C ALA A 252 19.40 25.58 -12.37
N PRO A 253 20.26 26.36 -11.67
CA PRO A 253 19.83 26.97 -10.39
C PRO A 253 18.90 28.16 -10.60
N LYS A 254 18.56 28.89 -9.53
CA LYS A 254 17.69 30.06 -9.63
C LYS A 254 18.51 31.35 -9.52
N PHE A 255 17.86 32.48 -9.82
CA PHE A 255 18.49 33.81 -9.89
C PHE A 255 19.59 33.86 -10.94
N MET B 1 13.80 26.66 30.32
CA MET B 1 14.41 26.15 29.10
C MET B 1 14.04 24.67 28.87
N LEU B 2 14.33 24.17 27.67
CA LEU B 2 14.04 22.77 27.37
C LEU B 2 15.16 22.13 26.59
N GLU B 3 15.67 20.99 27.11
CA GLU B 3 16.58 20.13 26.36
C GLU B 3 16.18 18.69 26.63
N GLY B 4 15.45 18.08 25.68
CA GLY B 4 15.05 16.69 25.80
C GLY B 4 15.52 15.85 24.64
N LYS B 5 16.37 14.85 24.93
CA LYS B 5 16.89 13.94 23.93
C LYS B 5 16.24 12.57 24.09
N PHE B 6 15.69 12.03 22.99
CA PHE B 6 15.19 10.66 22.95
C PHE B 6 16.25 9.74 22.35
N GLU B 7 16.39 8.56 22.94
CA GLU B 7 17.21 7.54 22.32
C GLU B 7 16.70 7.22 20.92
N GLU B 8 15.38 7.25 20.71
CA GLU B 8 14.76 6.87 19.45
C GLU B 8 13.59 7.78 19.14
N ALA B 9 13.45 8.15 17.88
CA ALA B 9 12.39 9.05 17.49
C ALA B 9 11.03 8.37 17.44
N ALA B 10 10.99 7.03 17.42
CA ALA B 10 9.73 6.30 17.27
C ALA B 10 8.61 6.84 18.15
N LEU B 11 8.88 7.02 19.43
CA LEU B 11 7.85 7.45 20.36
C LEU B 11 7.19 8.75 19.90
N LEU B 12 7.99 9.79 19.67
CA LEU B 12 7.39 11.08 19.35
C LEU B 12 6.71 11.05 17.99
N LYS B 13 7.24 10.26 17.05
CA LYS B 13 6.55 10.09 15.76
C LYS B 13 5.19 9.47 15.97
N LYS B 14 5.12 8.42 16.79
CA LYS B 14 3.86 7.73 17.01
C LYS B 14 2.87 8.63 17.73
N VAL B 15 3.37 9.47 18.64
CA VAL B 15 2.49 10.37 19.38
C VAL B 15 1.86 11.39 18.44
N VAL B 16 2.69 12.09 17.65
CA VAL B 16 2.19 13.12 16.76
C VAL B 16 1.23 12.54 15.74
N GLU B 17 1.51 11.34 15.24
CA GLU B 17 0.59 10.72 14.31
C GLU B 17 -0.75 10.38 14.97
N ALA B 18 -0.72 10.00 16.26
CA ALA B 18 -1.94 9.49 16.88
C ALA B 18 -2.92 10.61 17.18
N ILE B 19 -2.43 11.81 17.42
CA ILE B 19 -3.31 12.90 17.80
C ILE B 19 -3.46 13.97 16.72
N LYS B 20 -2.63 13.98 15.67
CA LYS B 20 -2.61 15.15 14.79
C LYS B 20 -3.95 15.39 14.09
N ASP B 21 -4.79 14.37 13.96
CA ASP B 21 -5.97 14.53 13.13
C ASP B 21 -7.15 15.06 13.93
N CYS B 22 -7.36 14.53 15.11
CA CYS B 22 -8.42 15.09 15.93
C CYS B 22 -8.01 16.38 16.65
N VAL B 23 -6.73 16.72 16.66
CA VAL B 23 -6.23 17.91 17.34
C VAL B 23 -5.32 18.69 16.40
N LYS B 24 -5.69 19.93 16.09
CA LYS B 24 -4.92 20.67 15.10
C LYS B 24 -3.72 21.38 15.72
N LYS B 25 -3.83 21.82 16.97
CA LYS B 25 -2.78 22.57 17.62
C LYS B 25 -2.96 22.37 19.11
N CYS B 26 -1.90 22.65 19.88
CA CYS B 26 -1.93 22.36 21.30
C CYS B 26 -0.66 22.90 21.95
N ASN B 27 -0.72 22.97 23.29
CA ASN B 27 0.40 23.41 24.12
C ASN B 27 1.18 22.22 24.64
N PHE B 28 2.47 22.21 24.39
CA PHE B 28 3.35 21.25 25.05
C PHE B 28 3.89 21.92 26.31
N ASN B 29 3.41 21.48 27.48
CA ASN B 29 3.84 22.05 28.76
C ASN B 29 5.03 21.24 29.26
N CYS B 30 6.20 21.88 29.34
CA CYS B 30 7.41 21.18 29.78
C CYS B 30 7.78 21.65 31.19
N SER B 31 8.20 20.70 32.01
CA SER B 31 8.57 20.92 33.39
C SER B 31 9.64 19.88 33.69
N GLU B 32 10.04 19.77 34.96
CA GLU B 32 11.06 18.77 35.29
C GLU B 32 10.48 17.36 35.25
N HIS B 33 9.20 17.23 35.55
CA HIS B 33 8.52 15.94 35.47
C HIS B 33 8.58 15.39 34.05
N GLY B 34 8.30 16.22 33.06
CA GLY B 34 8.34 15.82 31.65
C GLY B 34 7.58 16.81 30.78
N ILE B 35 6.96 16.27 29.73
CA ILE B 35 6.18 17.05 28.77
C ILE B 35 4.73 16.54 28.78
N THR B 36 3.78 17.46 28.87
CA THR B 36 2.36 17.13 28.95
C THR B 36 1.59 17.89 27.89
N VAL B 37 0.43 17.34 27.51
CA VAL B 37 -0.51 18.03 26.64
C VAL B 37 -1.91 17.76 27.16
N GLN B 38 -2.73 18.80 27.21
CA GLN B 38 -4.15 18.70 27.49
C GLN B 38 -4.87 19.44 26.37
N ALA B 39 -5.76 18.76 25.67
CA ALA B 39 -6.37 19.39 24.51
C ALA B 39 -7.75 18.80 24.31
N VAL B 40 -8.50 19.44 23.41
CA VAL B 40 -9.82 19.00 23.02
C VAL B 40 -9.90 19.03 21.50
N ASP B 41 -10.71 18.14 20.94
CA ASP B 41 -10.91 18.17 19.51
C ASP B 41 -11.80 19.34 19.13
N ASP B 42 -11.94 19.56 17.82
CA ASP B 42 -12.68 20.71 17.32
C ASP B 42 -14.14 20.69 17.77
N SER B 43 -14.79 19.51 17.79
CA SER B 43 -16.19 19.45 18.23
C SER B 43 -16.35 19.50 19.76
N ARG B 44 -15.24 19.62 20.50
CA ARG B 44 -15.25 19.81 21.95
C ARG B 44 -15.91 18.62 22.65
N VAL B 45 -15.63 17.42 22.13
CA VAL B 45 -16.22 16.18 22.63
C VAL B 45 -15.15 15.27 23.18
N LEU B 46 -13.99 15.27 22.55
CA LEU B 46 -12.93 14.33 22.85
C LEU B 46 -11.77 15.03 23.55
N LEU B 47 -11.42 14.59 24.75
CA LEU B 47 -10.33 15.21 25.50
C LEU B 47 -9.08 14.36 25.35
N VAL B 48 -7.97 14.99 25.02
CA VAL B 48 -6.70 14.30 24.90
C VAL B 48 -5.82 14.70 26.09
N SER B 49 -5.25 13.71 26.79
CA SER B 49 -4.30 13.98 27.86
C SER B 49 -3.05 13.16 27.59
N LEU B 50 -1.92 13.83 27.41
CA LEU B 50 -0.65 13.19 27.11
C LEU B 50 0.34 13.45 28.23
N LEU B 51 1.19 12.46 28.51
CA LEU B 51 2.31 12.65 29.41
C LEU B 51 3.49 11.88 28.83
N ILE B 52 4.58 12.58 28.53
CA ILE B 52 5.85 11.95 28.19
C ILE B 52 6.77 12.20 29.37
N GLY B 53 6.90 11.20 30.25
CA GLY B 53 7.65 11.40 31.48
C GLY B 53 9.15 11.51 31.24
N GLN B 54 9.82 12.20 32.17
CA GLN B 54 11.27 12.35 32.16
C GLN B 54 11.98 11.04 31.86
N THR B 55 11.41 9.93 32.32
CA THR B 55 12.01 8.62 32.18
C THR B 55 11.99 8.11 30.73
N SER B 56 11.12 8.65 29.86
CA SER B 56 11.11 8.28 28.43
C SER B 56 12.28 8.89 27.64
N PHE B 57 13.02 9.85 28.22
CA PHE B 57 14.18 10.45 27.60
C PHE B 57 15.46 9.77 28.10
N SER B 58 16.49 9.80 27.25
CA SER B 58 17.83 9.51 27.74
C SER B 58 18.48 10.71 28.43
N GLU B 59 18.23 11.94 27.96
CA GLU B 59 18.71 13.16 28.60
C GLU B 59 17.54 14.15 28.62
N TYR B 60 17.25 14.73 29.80
CA TYR B 60 16.13 15.65 29.92
C TYR B 60 16.46 16.72 30.97
N ARG B 61 16.60 17.98 30.54
CA ARG B 61 16.74 19.12 31.44
C ARG B 61 15.72 20.18 31.08
N CYS B 62 14.93 20.54 32.05
CA CYS B 62 13.95 21.57 31.89
C CYS B 62 13.95 22.18 33.23
N ASP B 63 14.92 23.06 33.46
CA ASP B 63 15.07 23.70 34.75
C ASP B 63 14.12 24.86 35.04
N ARG B 64 13.32 25.23 34.05
CA ARG B 64 12.34 26.23 34.20
C ARG B 64 11.25 25.78 33.25
N ASP B 65 9.98 25.84 33.63
CA ASP B 65 8.83 25.45 32.82
C ASP B 65 8.75 26.32 31.55
N VAL B 66 8.24 25.74 30.47
CA VAL B 66 8.03 26.43 29.18
C VAL B 66 6.75 25.88 28.56
N THR B 67 5.98 26.75 27.91
CA THR B 67 4.82 26.33 27.14
C THR B 67 5.11 26.54 25.65
N LEU B 68 4.78 25.54 24.82
CA LEU B 68 5.11 25.57 23.40
C LEU B 68 3.83 25.37 22.58
N GLY B 69 3.31 26.42 21.97
CA GLY B 69 2.11 26.23 21.21
C GLY B 69 2.46 25.83 19.80
N ILE B 70 2.04 24.63 19.37
CA ILE B 70 2.58 23.96 18.19
C ILE B 70 1.44 23.57 17.27
N ASP B 71 1.55 23.98 16.01
CA ASP B 71 0.68 23.46 14.96
C ASP B 71 1.09 22.00 14.72
N LEU B 72 0.17 21.05 14.93
CA LEU B 72 0.56 19.64 14.81
C LEU B 72 0.70 19.20 13.36
N GLU B 73 -0.03 19.86 12.45
CA GLU B 73 0.14 19.62 11.02
C GLU B 73 1.57 19.91 10.59
N SER B 74 2.06 21.11 10.92
CA SER B 74 3.42 21.46 10.54
C SER B 74 4.43 20.56 11.24
N PHE B 75 4.20 20.29 12.54
CA PHE B 75 5.13 19.47 13.30
C PHE B 75 5.19 18.04 12.78
N SER B 76 4.08 17.55 12.22
CA SER B 76 4.06 16.20 11.67
C SER B 76 4.93 16.09 10.41
N LYS B 77 4.93 17.13 9.56
CA LYS B 77 5.79 17.13 8.37
C LYS B 77 7.26 17.09 8.78
N ILE B 78 7.61 17.78 9.87
CA ILE B 78 8.98 17.69 10.36
C ILE B 78 9.27 16.30 10.90
N ILE B 79 8.53 15.87 11.94
CA ILE B 79 8.83 14.65 12.67
C ILE B 79 8.74 13.42 11.76
N LYS B 80 7.86 13.43 10.75
CA LYS B 80 7.73 12.26 9.88
C LYS B 80 9.03 11.97 9.14
N SER B 81 9.87 13.00 8.96
CA SER B 81 11.14 12.83 8.26
C SER B 81 12.09 11.93 9.03
N ALA B 82 11.88 11.78 10.33
CA ALA B 82 12.85 11.06 11.14
C ALA B 82 12.67 9.55 10.98
N ASN B 83 13.81 8.83 11.01
CA ASN B 83 13.78 7.39 11.12
C ASN B 83 13.42 7.02 12.55
N ASN B 84 12.76 5.85 12.73
CA ASN B 84 12.40 5.44 14.09
C ASN B 84 13.62 5.38 14.98
N GLU B 85 14.76 4.97 14.42
CA GLU B 85 15.96 4.77 15.21
C GLU B 85 16.75 6.06 15.46
N ASP B 86 16.35 7.19 14.88
CA ASP B 86 17.15 8.40 15.00
C ASP B 86 17.20 8.87 16.46
N PHE B 87 18.35 9.42 16.86
CA PHE B 87 18.36 10.32 18.00
C PHE B 87 17.45 11.50 17.69
N LEU B 88 16.63 11.92 18.66
CA LEU B 88 15.79 13.10 18.47
C LEU B 88 15.88 13.99 19.70
N THR B 89 16.21 15.26 19.49
CA THR B 89 16.37 16.21 20.58
C THR B 89 15.43 17.36 20.33
N LEU B 90 14.64 17.70 21.34
CA LEU B 90 13.76 18.86 21.30
C LEU B 90 14.41 19.98 22.09
N LEU B 91 14.47 21.16 21.48
CA LEU B 91 15.09 22.29 22.14
C LEU B 91 14.15 23.50 22.12
N ALA B 92 14.05 24.16 23.27
CA ALA B 92 13.39 25.46 23.31
C ALA B 92 14.05 26.32 24.38
N GLU B 93 14.23 27.60 24.05
CA GLU B 93 14.75 28.61 24.96
C GLU B 93 13.67 29.11 25.92
N ASP B 94 14.09 29.83 26.96
CA ASP B 94 13.13 30.56 27.78
C ASP B 94 12.45 31.64 26.96
N SER B 95 11.16 31.86 27.22
CA SER B 95 10.35 32.75 26.42
C SER B 95 10.57 32.45 24.94
N PRO B 96 10.26 31.24 24.48
CA PRO B 96 10.68 30.82 23.14
C PRO B 96 9.81 31.38 22.02
N ASP B 97 10.47 31.58 20.88
CA ASP B 97 9.84 31.98 19.64
C ASP B 97 9.56 30.79 18.73
N GLN B 98 10.19 29.65 19.02
CA GLN B 98 10.15 28.50 18.12
C GLN B 98 10.58 27.26 18.88
N ILE B 99 10.27 26.10 18.33
CA ILE B 99 10.82 24.84 18.82
C ILE B 99 11.82 24.33 17.80
N MET B 100 12.90 23.74 18.30
CA MET B 100 13.90 23.10 17.46
C MET B 100 13.87 21.60 17.66
N ALA B 101 13.98 20.87 16.57
CA ALA B 101 14.10 19.42 16.58
C ALA B 101 15.38 19.08 15.82
N ILE B 102 16.27 18.34 16.47
CA ILE B 102 17.51 17.89 15.83
C ILE B 102 17.53 16.37 15.78
N LEU B 103 17.65 15.85 14.56
CA LEU B 103 17.72 14.42 14.27
C LEU B 103 19.17 14.04 14.00
N GLU B 104 19.63 12.97 14.63
CA GLU B 104 20.97 12.44 14.39
C GLU B 104 20.85 10.96 14.01
N GLU B 105 21.33 10.60 12.81
CA GLU B 105 21.30 9.21 12.35
C GLU B 105 22.36 8.39 13.07
N LYS B 106 22.04 7.12 13.38
CA LYS B 106 22.84 6.32 14.31
C LYS B 106 24.19 5.94 13.72
N GLN B 107 24.18 5.32 12.54
CA GLN B 107 25.38 4.85 11.86
C GLN B 107 25.65 5.62 10.58
N LYS B 108 25.51 6.94 10.66
CA LYS B 108 25.72 7.82 9.50
C LYS B 108 26.15 9.18 10.01
N GLU B 109 26.88 9.93 9.20
CA GLU B 109 27.19 11.31 9.54
C GLU B 109 26.15 12.23 8.90
N LYS B 110 24.92 12.12 9.41
CA LYS B 110 23.80 12.93 8.93
C LYS B 110 23.08 13.53 10.12
N ILE B 111 22.96 14.86 10.14
CA ILE B 111 22.30 15.57 11.22
C ILE B 111 21.29 16.50 10.58
N SER B 112 20.04 16.42 11.02
CA SER B 112 18.99 17.27 10.46
C SER B 112 18.52 18.20 11.57
N GLU B 113 18.36 19.48 11.24
CA GLU B 113 18.00 20.48 12.22
C GLU B 113 16.79 21.25 11.71
N TYR B 114 15.69 21.17 12.45
CA TYR B 114 14.42 21.77 12.04
C TYR B 114 14.00 22.82 13.08
N SER B 115 13.32 23.86 12.60
CA SER B 115 12.77 24.87 13.49
C SER B 115 11.36 25.22 13.06
N LEU B 116 10.42 25.13 14.01
CA LEU B 116 9.01 25.44 13.80
C LEU B 116 8.66 26.68 14.62
N LYS B 117 7.94 27.63 14.02
CA LYS B 117 7.55 28.83 14.75
C LYS B 117 6.35 28.53 15.65
N LEU B 118 6.34 29.12 16.85
CA LEU B 118 5.30 28.78 17.80
C LEU B 118 4.06 29.64 17.61
N MET B 119 2.93 29.08 18.00
CA MET B 119 1.67 29.80 18.12
C MET B 119 1.37 30.05 19.59
N ASP B 120 0.65 31.13 19.84
CA ASP B 120 0.14 31.46 21.16
C ASP B 120 -1.27 30.88 21.28
N ILE B 121 -1.42 29.83 22.10
CA ILE B 121 -2.74 29.26 22.32
C ILE B 121 -3.57 30.24 23.16
N ASP B 122 -2.88 31.09 23.95
CA ASP B 122 -3.50 32.30 24.53
C ASP B 122 -4.82 31.97 25.22
N SER B 123 -4.86 30.73 25.70
CA SER B 123 -5.83 30.11 26.57
C SER B 123 -5.11 28.84 27.00
N GLU B 124 -4.39 28.89 28.12
CA GLU B 124 -3.89 27.65 28.70
C GLU B 124 -5.08 26.71 28.87
N PHE B 125 -4.90 25.45 28.48
CA PHE B 125 -5.93 24.42 28.64
C PHE B 125 -5.57 23.62 29.90
N LEU B 126 -6.42 23.66 30.92
CA LEU B 126 -6.10 22.98 32.17
C LEU B 126 -6.98 21.73 32.28
N GLN B 127 -6.44 20.68 32.91
CA GLN B 127 -7.25 19.49 33.17
C GLN B 127 -6.71 18.58 34.26
N ILE B 128 -7.59 18.15 35.18
CA ILE B 128 -7.24 17.25 36.28
C ILE B 128 -8.48 16.41 36.58
N ASP B 129 -8.32 15.07 36.58
CA ASP B 129 -9.40 14.16 37.00
C ASP B 129 -8.84 12.76 37.38
N ASP B 130 -8.33 12.56 38.57
CA ASP B 130 -8.19 11.19 39.06
C ASP B 130 -9.56 10.74 39.58
N MET B 131 -10.05 9.58 39.15
CA MET B 131 -11.49 9.29 39.24
C MET B 131 -11.74 7.84 39.67
N GLU B 132 -12.99 7.59 40.09
CA GLU B 132 -13.48 6.27 40.43
C GLU B 132 -14.49 5.78 39.38
N TYR B 133 -14.29 4.53 38.92
CA TYR B 133 -15.03 4.02 37.77
C TYR B 133 -15.80 2.76 38.16
N ASP B 134 -16.90 2.52 37.43
CA ASP B 134 -17.70 1.32 37.66
C ASP B 134 -16.98 0.06 37.20
N ALA B 135 -16.25 0.13 36.08
CA ALA B 135 -15.64 -1.06 35.48
C ALA B 135 -14.38 -0.69 34.71
N VAL B 136 -13.44 -1.63 34.66
CA VAL B 136 -12.18 -1.42 33.96
C VAL B 136 -11.90 -2.66 33.11
N VAL B 137 -11.62 -2.46 31.84
CA VAL B 137 -11.32 -3.52 30.89
C VAL B 137 -9.90 -3.31 30.40
N ASN B 138 -9.12 -4.39 30.37
CA ASN B 138 -7.81 -4.40 29.74
C ASN B 138 -7.82 -5.42 28.62
N MET B 139 -7.44 -5.00 27.43
CA MET B 139 -7.52 -5.86 26.26
C MET B 139 -6.50 -5.37 25.25
N PRO B 140 -6.19 -6.18 24.24
CA PRO B 140 -5.17 -5.74 23.29
C PRO B 140 -5.67 -4.55 22.49
N SER B 141 -4.81 -3.55 22.36
CA SER B 141 -5.18 -2.38 21.58
C SER B 141 -5.56 -2.80 20.17
N SER B 142 -4.85 -3.79 19.61
CA SER B 142 -5.08 -4.16 18.22
C SER B 142 -6.46 -4.75 18.03
N ASP B 143 -6.92 -5.58 18.96
CA ASP B 143 -8.27 -6.13 18.84
C ASP B 143 -9.34 -5.06 18.99
N PHE B 144 -9.11 -4.08 19.88
CA PHE B 144 -10.08 -3.01 20.03
C PHE B 144 -10.07 -2.07 18.82
N ALA B 145 -8.88 -1.78 18.27
CA ALA B 145 -8.83 -1.01 17.03
C ALA B 145 -9.61 -1.72 15.94
N LYS B 146 -9.46 -3.04 15.87
CA LYS B 146 -10.05 -3.79 14.77
C LYS B 146 -11.57 -3.87 14.90
N LEU B 147 -12.08 -4.06 16.11
CA LEU B 147 -13.53 -4.14 16.24
C LEU B 147 -14.18 -2.77 16.05
N VAL B 148 -13.45 -1.68 16.31
CA VAL B 148 -14.01 -0.36 16.11
C VAL B 148 -14.17 -0.09 14.62
N ARG B 149 -13.12 -0.38 13.85
CA ARG B 149 -13.18 -0.22 12.40
C ARG B 149 -14.21 -1.16 11.78
N ASP B 150 -14.23 -2.42 12.23
CA ASP B 150 -15.16 -3.38 11.66
C ASP B 150 -16.60 -2.97 11.93
N LEU B 151 -16.90 -2.52 13.15
CA LEU B 151 -18.27 -2.21 13.52
C LEU B 151 -18.70 -0.82 13.08
N LYS B 152 -17.74 0.05 12.74
CA LYS B 152 -18.07 1.32 12.11
C LYS B 152 -18.72 1.12 10.75
N ASN B 153 -18.42 0.01 10.07
CA ASN B 153 -19.07 -0.28 8.79
C ASN B 153 -20.57 -0.48 8.91
N LEU B 154 -21.09 -0.72 10.11
CA LEU B 154 -22.51 -1.01 10.24
C LEU B 154 -23.31 0.13 10.84
N SER B 155 -22.70 1.03 11.60
CA SER B 155 -23.46 2.13 12.18
C SER B 155 -22.47 3.11 12.78
N GLU B 156 -23.02 4.20 13.32
CA GLU B 156 -22.21 5.25 13.91
C GLU B 156 -22.16 5.16 15.43
N SER B 157 -22.68 4.08 16.01
CA SER B 157 -22.73 3.94 17.46
C SER B 157 -22.17 2.59 17.88
N LEU B 158 -21.43 2.60 18.97
CA LEU B 158 -20.93 1.37 19.58
C LEU B 158 -21.52 1.28 20.98
N ARG B 159 -22.39 0.32 21.19
CA ARG B 159 -22.85 0.02 22.52
C ARG B 159 -21.85 -0.87 23.24
N VAL B 160 -21.60 -0.56 24.51
CA VAL B 160 -20.60 -1.26 25.30
C VAL B 160 -21.29 -1.75 26.57
N VAL B 161 -21.26 -3.06 26.81
CA VAL B 161 -21.93 -3.67 27.96
C VAL B 161 -20.95 -4.57 28.68
N VAL B 162 -20.63 -4.21 29.92
CA VAL B 162 -19.63 -4.94 30.71
C VAL B 162 -20.32 -5.57 31.93
N THR B 163 -20.15 -6.89 32.11
CA THR B 163 -20.50 -7.64 33.32
C THR B 163 -19.25 -8.35 33.84
N LYS B 164 -19.42 -9.15 34.90
CA LYS B 164 -18.26 -9.83 35.47
C LYS B 164 -17.76 -10.92 34.54
N ASP B 165 -18.64 -11.43 33.67
CA ASP B 165 -18.32 -12.56 32.81
C ASP B 165 -17.84 -12.13 31.43
N SER B 166 -18.13 -10.91 30.99
CA SER B 166 -17.93 -10.63 29.57
C SER B 166 -17.99 -9.13 29.30
N VAL B 167 -17.41 -8.73 28.17
CA VAL B 167 -17.64 -7.41 27.57
C VAL B 167 -18.21 -7.61 26.16
N LYS B 168 -19.22 -6.82 25.81
CA LYS B 168 -19.99 -7.02 24.59
C LYS B 168 -20.06 -5.70 23.81
N PHE B 169 -19.51 -5.67 22.61
CA PHE B 169 -19.62 -4.51 21.75
C PHE B 169 -20.62 -4.79 20.64
N THR B 170 -21.55 -3.88 20.40
CA THR B 170 -22.57 -4.08 19.38
C THR B 170 -22.73 -2.81 18.57
N SER B 171 -23.22 -3.00 17.35
CA SER B 171 -23.37 -1.93 16.37
C SER B 171 -24.43 -2.38 15.39
N GLU B 172 -25.55 -1.66 15.28
CA GLU B 172 -26.61 -2.05 14.36
C GLU B 172 -26.97 -0.90 13.42
N GLY B 173 -27.03 -1.20 12.13
CA GLY B 173 -27.50 -0.27 11.12
C GLY B 173 -28.52 -0.95 10.22
N ASP B 174 -28.84 -0.32 9.07
CA ASP B 174 -29.95 -0.79 8.24
C ASP B 174 -29.56 -2.05 7.48
N SER B 175 -28.29 -2.17 7.13
CA SER B 175 -27.81 -3.42 6.56
C SER B 175 -28.02 -4.57 7.54
N GLY B 176 -27.49 -4.42 8.76
CA GLY B 176 -27.53 -5.52 9.72
C GLY B 176 -26.72 -5.17 10.93
N SER B 177 -26.71 -6.07 11.90
CA SER B 177 -26.12 -5.80 13.20
C SER B 177 -24.83 -6.59 13.36
N GLY B 178 -24.00 -6.15 14.30
CA GLY B 178 -22.84 -6.95 14.61
C GLY B 178 -22.51 -6.86 16.09
N SER B 179 -22.17 -7.98 16.72
CA SER B 179 -21.72 -7.96 18.10
C SER B 179 -20.35 -8.65 18.21
N VAL B 180 -19.48 -8.12 19.08
CA VAL B 180 -18.21 -8.78 19.42
C VAL B 180 -18.17 -9.00 20.92
N ILE B 181 -18.00 -10.26 21.35
CA ILE B 181 -18.11 -10.63 22.76
C ILE B 181 -16.79 -11.24 23.24
N LEU B 182 -16.17 -10.59 24.23
CA LEU B 182 -14.93 -11.08 24.81
C LEU B 182 -15.14 -11.52 26.25
N LYS B 183 -14.52 -12.61 26.60
CA LYS B 183 -14.54 -13.08 27.96
C LYS B 183 -13.14 -12.99 28.55
N PRO B 184 -12.99 -12.91 29.87
CA PRO B 184 -11.63 -12.80 30.44
C PRO B 184 -10.77 -14.01 30.09
N TYR B 185 -9.53 -13.76 29.69
CA TYR B 185 -8.67 -14.90 29.41
C TYR B 185 -7.22 -14.47 29.50
N THR B 186 -6.35 -15.45 29.72
CA THR B 186 -4.95 -15.21 29.95
C THR B 186 -4.17 -15.73 28.75
N ASN B 187 -3.23 -14.91 28.26
CA ASN B 187 -2.24 -15.38 27.31
C ASN B 187 -0.98 -15.64 28.11
N LEU B 188 -0.60 -16.92 28.20
CA LEU B 188 0.42 -17.31 29.16
C LEU B 188 1.80 -16.87 28.70
N LYS B 189 2.03 -16.87 27.39
CA LYS B 189 3.30 -16.47 26.83
C LYS B 189 3.52 -14.97 26.94
N ASN B 190 2.49 -14.19 26.64
CA ASN B 190 2.57 -12.74 26.61
C ASN B 190 1.34 -12.17 27.29
N GLU B 191 1.48 -11.81 28.57
CA GLU B 191 0.34 -11.40 29.38
C GLU B 191 -0.30 -10.14 28.86
N ARG B 192 0.39 -9.41 27.99
CA ARG B 192 -0.17 -8.16 27.49
C ARG B 192 -1.27 -8.40 26.48
N GLU B 193 -1.38 -9.61 25.95
CA GLU B 193 -2.47 -9.93 25.03
C GLU B 193 -3.66 -10.58 25.73
N SER B 194 -3.71 -10.52 27.06
CA SER B 194 -4.83 -11.01 27.85
C SER B 194 -5.99 -10.01 27.84
N VAL B 195 -7.13 -10.49 28.31
CA VAL B 195 -8.30 -9.67 28.57
C VAL B 195 -8.66 -9.83 30.03
N THR B 196 -8.78 -8.71 30.75
CA THR B 196 -9.22 -8.71 32.13
C THR B 196 -10.41 -7.77 32.29
N ILE B 197 -11.25 -8.07 33.28
CA ILE B 197 -12.40 -7.25 33.66
C ILE B 197 -12.48 -7.20 35.18
N SER B 198 -12.59 -6.00 35.75
CA SER B 198 -12.89 -5.83 37.16
C SER B 198 -13.97 -4.76 37.33
N LEU B 199 -15.04 -5.09 38.05
CA LEU B 199 -16.18 -4.19 38.11
C LEU B 199 -16.76 -4.13 39.52
N ASP B 200 -17.31 -2.96 39.85
CA ASP B 200 -18.26 -2.86 40.94
C ASP B 200 -19.66 -3.16 40.43
N ASP B 201 -20.11 -2.39 39.44
CA ASP B 201 -21.46 -2.41 38.89
C ASP B 201 -21.43 -2.70 37.38
N PRO B 202 -22.41 -3.44 36.85
CA PRO B 202 -22.50 -3.59 35.38
C PRO B 202 -22.66 -2.24 34.71
N VAL B 203 -22.23 -2.17 33.44
CA VAL B 203 -22.12 -0.93 32.68
C VAL B 203 -22.76 -1.12 31.32
N ASP B 204 -23.46 -0.10 30.82
CA ASP B 204 -24.10 -0.17 29.50
C ASP B 204 -24.07 1.24 28.88
N LEU B 205 -23.13 1.49 27.99
CA LEU B 205 -22.94 2.85 27.50
C LEU B 205 -22.75 2.84 25.99
N THR B 206 -23.11 3.94 25.33
CA THR B 206 -22.99 4.01 23.89
C THR B 206 -22.09 5.17 23.49
N PHE B 207 -21.22 4.94 22.52
CA PHE B 207 -20.25 5.95 22.12
C PHE B 207 -20.30 6.13 20.62
N GLY B 208 -19.90 7.32 20.16
CA GLY B 208 -19.88 7.60 18.74
C GLY B 208 -18.66 7.00 18.08
N LEU B 209 -18.86 6.11 17.12
CA LEU B 209 -17.72 5.43 16.51
C LEU B 209 -16.79 6.40 15.77
N LYS B 210 -17.27 7.57 15.34
CA LYS B 210 -16.40 8.60 14.77
C LYS B 210 -15.24 8.89 15.72
N TYR B 211 -15.55 9.06 17.00
CA TYR B 211 -14.51 9.41 17.98
C TYR B 211 -13.68 8.21 18.38
N LEU B 212 -14.30 7.03 18.52
CA LEU B 212 -13.55 5.82 18.82
C LEU B 212 -12.52 5.51 17.72
N ASN B 213 -12.85 5.85 16.47
CA ASN B 213 -11.95 5.65 15.35
C ASN B 213 -10.69 6.49 15.45
N ASP B 214 -10.81 7.68 16.05
CA ASP B 214 -9.65 8.54 16.29
C ASP B 214 -8.84 8.05 17.48
N ILE B 215 -9.53 7.60 18.52
CA ILE B 215 -8.87 7.11 19.73
C ILE B 215 -7.95 5.95 19.39
N VAL B 216 -8.42 5.00 18.59
CA VAL B 216 -7.71 3.74 18.38
C VAL B 216 -6.46 3.90 17.52
N LYS B 217 -6.23 5.08 16.92
CA LYS B 217 -4.95 5.35 16.27
C LYS B 217 -3.79 5.34 17.26
N ALA B 218 -4.07 5.50 18.55
CA ALA B 218 -3.03 5.42 19.57
C ALA B 218 -2.62 3.98 19.87
N ALA B 219 -3.21 2.99 19.19
CA ALA B 219 -2.79 1.60 19.36
C ALA B 219 -1.31 1.35 19.04
N THR B 220 -0.64 2.26 18.32
CA THR B 220 0.80 2.20 18.05
C THR B 220 1.65 2.49 19.28
N LEU B 221 1.09 3.10 20.34
CA LEU B 221 1.82 3.47 21.54
C LEU B 221 1.86 2.38 22.61
N SER B 222 0.95 1.41 22.56
CA SER B 222 0.96 0.34 23.54
C SER B 222 0.16 -0.85 23.00
N ASP B 223 0.66 -2.06 23.29
CA ASP B 223 -0.09 -3.31 23.05
C ASP B 223 -1.45 -3.31 23.75
N VAL B 224 -1.53 -2.69 24.93
CA VAL B 224 -2.70 -2.83 25.82
C VAL B 224 -3.47 -1.51 25.79
N ILE B 225 -4.80 -1.60 25.73
CA ILE B 225 -5.67 -0.46 25.98
C ILE B 225 -6.44 -0.71 27.27
N THR B 226 -6.38 0.25 28.19
CA THR B 226 -7.19 0.21 29.40
C THR B 226 -8.43 1.08 29.18
N ILE B 227 -9.61 0.49 29.33
CA ILE B 227 -10.89 1.20 29.16
C ILE B 227 -11.55 1.29 30.52
N LYS B 228 -11.82 2.50 30.99
CA LYS B 228 -12.47 2.71 32.29
C LYS B 228 -13.82 3.38 32.04
N LEU B 229 -14.90 2.77 32.52
CA LEU B 229 -16.26 3.21 32.26
C LEU B 229 -17.03 3.54 33.56
N ALA B 230 -17.87 4.58 33.50
CA ALA B 230 -18.77 4.92 34.60
C ALA B 230 -20.10 5.44 34.06
N ASP B 231 -21.13 5.35 34.91
CA ASP B 231 -22.53 5.34 34.43
C ASP B 231 -22.95 6.63 33.76
N LYS B 232 -22.47 7.76 34.23
CA LYS B 232 -22.76 9.02 33.53
C LYS B 232 -21.51 9.89 33.53
N THR B 233 -20.39 9.32 33.10
CA THR B 233 -19.08 9.91 33.26
C THR B 233 -18.31 9.66 31.98
N PRO B 234 -17.42 10.56 31.59
CA PRO B 234 -16.58 10.30 30.42
C PRO B 234 -15.80 9.02 30.64
N ALA B 235 -15.75 8.18 29.60
CA ALA B 235 -14.97 6.96 29.69
C ALA B 235 -13.51 7.29 29.39
N LEU B 236 -12.62 6.55 30.02
CA LEU B 236 -11.20 6.74 29.80
C LEU B 236 -10.69 5.64 28.85
N PHE B 237 -9.92 6.04 27.83
CA PHE B 237 -9.24 5.09 26.97
C PHE B 237 -7.75 5.35 27.12
N GLU B 238 -7.04 4.47 27.81
CA GLU B 238 -5.67 4.75 28.23
C GLU B 238 -4.65 3.86 27.49
N PHE B 239 -3.62 4.49 26.96
CA PHE B 239 -2.50 3.79 26.35
C PHE B 239 -1.25 4.09 27.17
N LYS B 240 -0.77 3.12 27.93
CA LYS B 240 0.41 3.36 28.76
C LYS B 240 1.66 3.12 27.93
N MET B 241 2.58 4.07 27.93
CA MET B 241 3.84 3.88 27.23
C MET B 241 4.80 3.13 28.15
N GLN B 242 5.37 2.04 27.65
CA GLN B 242 6.26 1.24 28.48
C GLN B 242 7.49 2.03 28.92
N SER B 243 7.97 2.95 28.07
CA SER B 243 9.12 3.78 28.44
C SER B 243 8.79 4.75 29.58
N GLY B 244 7.51 4.95 29.88
CA GLY B 244 7.10 5.86 30.95
C GLY B 244 6.30 7.04 30.45
N GLY B 245 5.01 7.11 30.83
CA GLY B 245 4.07 8.10 30.37
C GLY B 245 2.80 7.47 29.85
N TYR B 246 1.96 8.26 29.20
CA TYR B 246 0.70 7.71 28.71
C TYR B 246 0.11 8.64 27.66
N LEU B 247 -0.86 8.11 26.91
CA LEU B 247 -1.78 8.90 26.10
C LEU B 247 -3.19 8.47 26.43
N ARG B 248 -4.03 9.42 26.86
CA ARG B 248 -5.37 9.15 27.34
C ARG B 248 -6.39 9.93 26.52
N PHE B 249 -7.57 9.34 26.31
CA PHE B 249 -8.70 9.99 25.67
C PHE B 249 -9.88 9.89 26.61
N TYR B 250 -10.61 10.98 26.77
CA TYR B 250 -11.84 10.97 27.56
C TYR B 250 -12.97 11.27 26.61
N LEU B 251 -14.04 10.49 26.68
CA LEU B 251 -15.14 10.58 25.73
C LEU B 251 -16.47 10.37 26.45
N ALA B 252 -17.37 11.32 26.36
CA ALA B 252 -18.64 11.15 27.03
C ALA B 252 -19.48 10.13 26.28
N PRO B 253 -20.31 9.35 26.98
CA PRO B 253 -21.31 8.52 26.28
C PRO B 253 -22.43 9.38 25.72
N LYS B 254 -23.26 8.76 24.89
CA LYS B 254 -24.47 9.41 24.40
C LYS B 254 -25.59 9.29 25.44
N PHE B 255 -26.33 10.38 25.65
CA PHE B 255 -27.39 10.40 26.66
C PHE B 255 -28.77 10.55 26.02
N MET C 1 -33.29 -25.60 7.23
CA MET C 1 -32.55 -24.47 7.89
C MET C 1 -31.04 -24.74 7.69
N LEU C 2 -30.19 -23.73 7.93
CA LEU C 2 -28.74 -23.71 7.61
C LEU C 2 -27.88 -23.64 8.87
N GLU C 3 -26.94 -24.56 8.98
CA GLU C 3 -25.85 -24.48 9.94
C GLU C 3 -24.64 -25.09 9.24
N GLY C 4 -23.82 -24.23 8.66
CA GLY C 4 -22.59 -24.72 8.13
C GLY C 4 -21.38 -24.11 8.80
N LYS C 5 -20.53 -24.95 9.37
CA LYS C 5 -19.32 -24.50 10.05
C LYS C 5 -18.10 -24.76 9.17
N PHE C 6 -17.27 -23.74 9.01
CA PHE C 6 -15.98 -23.91 8.33
C PHE C 6 -14.89 -24.02 9.38
N GLU C 7 -13.92 -24.90 9.14
CA GLU C 7 -12.71 -24.88 9.94
C GLU C 7 -11.98 -23.56 9.80
N GLU C 8 -12.02 -22.94 8.63
CA GLU C 8 -11.30 -21.69 8.44
C GLU C 8 -12.14 -20.73 7.62
N ALA C 9 -12.10 -19.46 7.95
CA ALA C 9 -12.91 -18.53 7.18
C ALA C 9 -12.29 -18.23 5.82
N ALA C 10 -11.03 -18.63 5.59
CA ALA C 10 -10.32 -18.23 4.39
C ALA C 10 -11.12 -18.50 3.12
N LEU C 11 -11.74 -19.68 3.02
CA LEU C 11 -12.46 -20.04 1.81
C LEU C 11 -13.56 -19.03 1.47
N LEU C 12 -14.44 -18.73 2.42
CA LEU C 12 -15.56 -17.83 2.12
C LEU C 12 -15.07 -16.42 1.82
N LYS C 13 -14.03 -15.98 2.53
CA LYS C 13 -13.47 -14.65 2.32
C LYS C 13 -12.99 -14.48 0.87
N LYS C 14 -12.27 -15.48 0.37
CA LYS C 14 -11.75 -15.40 -0.99
C LYS C 14 -12.89 -15.51 -2.00
N VAL C 15 -13.88 -16.35 -1.69
CA VAL C 15 -15.05 -16.45 -2.57
C VAL C 15 -15.76 -15.10 -2.67
N VAL C 16 -16.05 -14.50 -1.52
CA VAL C 16 -16.80 -13.25 -1.56
C VAL C 16 -16.00 -12.17 -2.28
N GLU C 17 -14.68 -12.15 -2.09
CA GLU C 17 -13.87 -11.14 -2.73
C GLU C 17 -13.80 -11.37 -4.23
N ALA C 18 -13.77 -12.63 -4.65
CA ALA C 18 -13.62 -12.92 -6.06
C ALA C 18 -14.82 -12.46 -6.88
N ILE C 19 -16.01 -12.47 -6.32
CA ILE C 19 -17.19 -12.21 -7.13
C ILE C 19 -17.89 -10.91 -6.81
N LYS C 20 -17.50 -10.20 -5.74
CA LYS C 20 -18.31 -9.09 -5.28
C LYS C 20 -18.26 -7.93 -6.26
N ASP C 21 -17.22 -7.89 -7.10
CA ASP C 21 -17.12 -6.87 -8.13
C ASP C 21 -18.05 -7.19 -9.29
N CYS C 22 -17.98 -8.44 -9.80
CA CYS C 22 -18.79 -8.77 -10.97
C CYS C 22 -20.27 -8.82 -10.63
N VAL C 23 -20.61 -9.06 -9.36
CA VAL C 23 -21.97 -9.40 -8.96
C VAL C 23 -22.32 -8.60 -7.71
N LYS C 24 -23.37 -7.80 -7.78
CA LYS C 24 -23.70 -6.96 -6.63
C LYS C 24 -24.54 -7.70 -5.60
N LYS C 25 -25.46 -8.56 -6.05
CA LYS C 25 -26.33 -9.30 -5.14
C LYS C 25 -26.58 -10.67 -5.73
N CYS C 26 -26.87 -11.65 -4.89
CA CYS C 26 -27.08 -12.99 -5.43
C CYS C 26 -27.83 -13.84 -4.40
N ASN C 27 -28.36 -14.96 -4.89
CA ASN C 27 -29.01 -15.92 -4.03
C ASN C 27 -27.98 -16.98 -3.63
N PHE C 28 -27.96 -17.34 -2.36
CA PHE C 28 -27.20 -18.49 -1.89
C PHE C 28 -28.20 -19.62 -1.70
N ASN C 29 -28.21 -20.59 -2.61
CA ASN C 29 -29.13 -21.73 -2.53
C ASN C 29 -28.46 -22.85 -1.73
N CYS C 30 -29.03 -23.18 -0.58
CA CYS C 30 -28.45 -24.16 0.32
C CYS C 30 -29.31 -25.42 0.30
N SER C 31 -28.63 -26.56 0.29
CA SER C 31 -29.27 -27.84 0.11
C SER C 31 -28.42 -28.81 0.90
N GLU C 32 -28.78 -30.09 0.87
CA GLU C 32 -27.88 -31.03 1.50
C GLU C 32 -26.62 -31.16 0.65
N HIS C 33 -26.74 -30.85 -0.65
CA HIS C 33 -25.55 -30.91 -1.52
C HIS C 33 -24.50 -29.89 -1.10
N GLY C 34 -24.92 -28.77 -0.53
CA GLY C 34 -23.98 -27.70 -0.22
C GLY C 34 -24.58 -26.36 -0.60
N ILE C 35 -23.75 -25.34 -0.82
CA ILE C 35 -24.22 -23.98 -1.13
C ILE C 35 -23.76 -23.63 -2.53
N THR C 36 -24.69 -23.11 -3.36
CA THR C 36 -24.37 -22.74 -4.73
C THR C 36 -24.88 -21.34 -5.01
N VAL C 37 -24.27 -20.68 -5.98
CA VAL C 37 -24.70 -19.37 -6.45
C VAL C 37 -24.67 -19.37 -7.98
N GLN C 38 -25.76 -18.92 -8.60
CA GLN C 38 -25.78 -18.69 -10.04
C GLN C 38 -26.28 -17.27 -10.30
N ALA C 39 -25.44 -16.44 -10.91
CA ALA C 39 -25.74 -15.03 -11.11
C ALA C 39 -25.10 -14.57 -12.40
N VAL C 40 -25.56 -13.43 -12.92
CA VAL C 40 -25.04 -12.91 -14.17
C VAL C 40 -24.83 -11.41 -14.00
N ASP C 41 -23.81 -10.89 -14.68
CA ASP C 41 -23.44 -9.48 -14.58
C ASP C 41 -24.58 -8.60 -15.06
N ASP C 42 -24.46 -7.30 -14.77
CA ASP C 42 -25.44 -6.31 -15.22
C ASP C 42 -25.50 -6.25 -16.74
N SER C 43 -24.36 -6.40 -17.40
CA SER C 43 -24.30 -6.41 -18.84
C SER C 43 -24.88 -7.67 -19.49
N ARG C 44 -25.26 -8.68 -18.71
CA ARG C 44 -25.77 -9.96 -19.26
C ARG C 44 -24.75 -10.60 -20.21
N VAL C 45 -23.48 -10.56 -19.81
CA VAL C 45 -22.41 -11.15 -20.62
C VAL C 45 -21.70 -12.29 -19.89
N LEU C 46 -21.61 -12.20 -18.55
CA LEU C 46 -20.81 -13.09 -17.72
C LEU C 46 -21.72 -13.84 -16.74
N LEU C 47 -21.66 -15.17 -16.76
CA LEU C 47 -22.44 -15.99 -15.84
C LEU C 47 -21.49 -16.57 -14.79
N VAL C 48 -21.79 -16.34 -13.51
CA VAL C 48 -20.96 -16.81 -12.40
C VAL C 48 -21.69 -17.97 -11.74
N SER C 49 -21.02 -19.12 -11.63
CA SER C 49 -21.60 -20.31 -11.01
C SER C 49 -20.65 -20.82 -9.92
N LEU C 50 -21.11 -20.78 -8.68
CA LEU C 50 -20.32 -21.22 -7.54
C LEU C 50 -20.92 -22.49 -6.95
N LEU C 51 -20.07 -23.37 -6.43
CA LEU C 51 -20.51 -24.49 -5.62
C LEU C 51 -19.56 -24.63 -4.43
N ILE C 52 -20.07 -24.44 -3.22
CA ILE C 52 -19.37 -24.81 -1.99
C ILE C 52 -19.98 -26.12 -1.51
N GLY C 53 -19.36 -27.25 -1.87
CA GLY C 53 -19.92 -28.53 -1.49
C GLY C 53 -19.85 -28.76 0.00
N GLN C 54 -20.71 -29.65 0.51
CA GLN C 54 -20.68 -29.91 1.95
C GLN C 54 -19.35 -30.49 2.39
N THR C 55 -18.54 -30.97 1.44
CA THR C 55 -17.22 -31.51 1.77
C THR C 55 -16.27 -30.42 2.23
N SER C 56 -16.57 -29.16 1.88
CA SER C 56 -15.73 -28.05 2.31
C SER C 56 -15.99 -27.60 3.73
N PHE C 57 -17.05 -28.10 4.37
CA PHE C 57 -17.42 -27.81 5.74
C PHE C 57 -16.88 -28.88 6.68
N SER C 58 -16.61 -28.47 7.92
CA SER C 58 -16.39 -29.46 8.97
C SER C 58 -17.70 -29.95 9.57
N GLU C 59 -18.73 -29.12 9.57
CA GLU C 59 -20.05 -29.51 10.00
C GLU C 59 -21.05 -28.80 9.10
N TYR C 60 -22.03 -29.54 8.59
CA TYR C 60 -22.98 -28.95 7.67
C TYR C 60 -24.29 -29.71 7.82
N ARG C 61 -25.34 -28.99 8.23
CA ARG C 61 -26.72 -29.48 8.21
C ARG C 61 -27.57 -28.49 7.44
N CYS C 62 -28.40 -29.00 6.54
CA CYS C 62 -29.39 -28.22 5.83
C CYS C 62 -30.59 -29.15 5.59
N ASP C 63 -31.37 -29.37 6.65
CA ASP C 63 -32.46 -30.34 6.60
C ASP C 63 -33.52 -29.94 5.58
N ARG C 64 -33.63 -28.65 5.30
CA ARG C 64 -34.56 -28.13 4.31
C ARG C 64 -33.90 -27.04 3.49
N ASP C 65 -34.08 -27.10 2.18
CA ASP C 65 -33.53 -26.11 1.26
C ASP C 65 -33.98 -24.70 1.61
N VAL C 66 -33.11 -23.72 1.40
CA VAL C 66 -33.40 -22.32 1.69
C VAL C 66 -32.62 -21.47 0.73
N THR C 67 -33.24 -20.36 0.29
CA THR C 67 -32.62 -19.41 -0.62
C THR C 67 -32.34 -18.15 0.16
N LEU C 68 -31.12 -17.61 0.04
CA LEU C 68 -30.73 -16.45 0.83
C LEU C 68 -30.29 -15.32 -0.11
N GLY C 69 -31.14 -14.31 -0.26
CA GLY C 69 -30.77 -13.23 -1.15
C GLY C 69 -29.94 -12.20 -0.41
N ILE C 70 -28.71 -11.95 -0.86
CA ILE C 70 -27.70 -11.25 -0.08
C ILE C 70 -27.11 -10.12 -0.90
N ASP C 71 -26.98 -8.94 -0.30
CA ASP C 71 -26.21 -7.85 -0.91
C ASP C 71 -24.73 -8.15 -0.66
N LEU C 72 -23.97 -8.39 -1.74
CA LEU C 72 -22.60 -8.87 -1.53
C LEU C 72 -21.69 -7.80 -0.97
N GLU C 73 -21.96 -6.53 -1.23
CA GLU C 73 -21.12 -5.49 -0.64
C GLU C 73 -21.26 -5.49 0.88
N SER C 74 -22.51 -5.44 1.37
CA SER C 74 -22.77 -5.55 2.79
C SER C 74 -22.14 -6.81 3.37
N PHE C 75 -22.33 -7.94 2.69
CA PHE C 75 -21.78 -9.19 3.18
C PHE C 75 -20.25 -9.20 3.19
N SER C 76 -19.60 -8.48 2.26
CA SER C 76 -18.14 -8.43 2.23
C SER C 76 -17.62 -7.65 3.41
N LYS C 77 -18.27 -6.54 3.75
CA LYS C 77 -17.93 -5.78 4.94
C LYS C 77 -17.87 -6.71 6.15
N ILE C 78 -18.82 -7.63 6.26
CA ILE C 78 -18.83 -8.56 7.38
C ILE C 78 -17.68 -9.56 7.25
N ILE C 79 -17.66 -10.32 6.14
CA ILE C 79 -16.75 -11.45 6.01
C ILE C 79 -15.29 -11.02 5.94
N LYS C 80 -14.99 -9.83 5.42
CA LYS C 80 -13.59 -9.44 5.39
C LYS C 80 -13.06 -9.09 6.76
N SER C 81 -13.92 -8.88 7.75
CA SER C 81 -13.46 -8.62 9.10
C SER C 81 -12.87 -9.86 9.75
N ALA C 82 -13.20 -11.05 9.24
CA ALA C 82 -12.71 -12.30 9.81
C ALA C 82 -11.25 -12.53 9.47
N ASN C 83 -10.53 -13.17 10.39
CA ASN C 83 -9.21 -13.71 10.08
C ASN C 83 -9.37 -14.99 9.27
N ASN C 84 -8.36 -15.29 8.44
CA ASN C 84 -8.40 -16.53 7.66
C ASN C 84 -8.57 -17.75 8.57
N GLU C 85 -7.94 -17.71 9.73
CA GLU C 85 -7.90 -18.86 10.63
C GLU C 85 -9.13 -18.98 11.51
N ASP C 86 -10.06 -18.04 11.42
CA ASP C 86 -11.22 -18.04 12.30
C ASP C 86 -12.15 -19.19 11.97
N PHE C 87 -12.76 -19.79 13.00
CA PHE C 87 -13.96 -20.59 12.75
C PHE C 87 -15.03 -19.69 12.16
N LEU C 88 -15.76 -20.18 11.17
CA LEU C 88 -16.85 -19.42 10.56
C LEU C 88 -18.06 -20.32 10.45
N THR C 89 -19.21 -19.85 10.93
CA THR C 89 -20.46 -20.61 10.86
C THR C 89 -21.50 -19.72 10.22
N LEU C 90 -22.17 -20.25 9.20
CA LEU C 90 -23.29 -19.58 8.58
C LEU C 90 -24.56 -20.20 9.10
N LEU C 91 -25.50 -19.36 9.53
CA LEU C 91 -26.78 -19.84 10.03
C LEU C 91 -27.90 -19.12 9.34
N ALA C 92 -28.95 -19.86 9.04
CA ALA C 92 -30.23 -19.29 8.66
C ALA C 92 -31.33 -20.21 9.17
N GLU C 93 -32.45 -19.63 9.60
CA GLU C 93 -33.58 -20.43 10.03
C GLU C 93 -34.54 -20.65 8.87
N ASP C 94 -35.56 -21.48 9.10
CA ASP C 94 -36.59 -21.74 8.09
C ASP C 94 -37.41 -20.48 7.83
N SER C 95 -37.69 -20.22 6.56
CA SER C 95 -38.29 -18.97 6.14
C SER C 95 -37.50 -17.81 6.75
N PRO C 96 -36.25 -17.63 6.37
CA PRO C 96 -35.39 -16.67 7.07
C PRO C 96 -35.65 -15.23 6.65
N ASP C 97 -35.45 -14.34 7.62
CA ASP C 97 -35.45 -12.91 7.43
C ASP C 97 -34.03 -12.35 7.26
N GLN C 98 -33.01 -13.14 7.59
CA GLN C 98 -31.62 -12.68 7.69
C GLN C 98 -30.68 -13.89 7.66
N ILE C 99 -29.41 -13.62 7.37
CA ILE C 99 -28.36 -14.63 7.47
C ILE C 99 -27.45 -14.25 8.64
N MET C 100 -27.01 -15.23 9.39
CA MET C 100 -26.12 -15.01 10.52
C MET C 100 -24.74 -15.57 10.21
N ALA C 101 -23.70 -14.83 10.60
CA ALA C 101 -22.32 -15.28 10.49
C ALA C 101 -21.69 -15.18 11.88
N ILE C 102 -21.17 -16.30 12.37
CA ILE C 102 -20.52 -16.32 13.68
C ILE C 102 -19.04 -16.59 13.48
N LEU C 103 -18.19 -15.69 13.96
CA LEU C 103 -16.76 -15.89 13.88
C LEU C 103 -16.23 -16.22 15.28
N GLU C 104 -15.45 -17.30 15.40
CA GLU C 104 -14.78 -17.65 16.65
C GLU C 104 -13.27 -17.54 16.46
N GLU C 105 -12.61 -16.69 17.23
CA GLU C 105 -11.15 -16.59 17.07
C GLU C 105 -10.50 -17.78 17.77
N LYS C 106 -9.50 -18.37 17.11
CA LYS C 106 -8.70 -19.38 17.78
C LYS C 106 -7.84 -18.71 18.85
N GLN C 107 -7.62 -19.45 19.94
CA GLN C 107 -6.70 -19.09 21.00
C GLN C 107 -7.20 -17.90 21.81
N LYS C 108 -8.48 -17.55 21.72
CA LYS C 108 -9.01 -16.43 22.48
C LYS C 108 -10.46 -16.73 22.82
N GLU C 109 -10.96 -16.02 23.82
CA GLU C 109 -12.38 -16.01 24.13
C GLU C 109 -13.01 -14.79 23.45
N LYS C 110 -13.11 -14.88 22.13
CA LYS C 110 -13.59 -13.80 21.29
C LYS C 110 -14.54 -14.39 20.26
N ILE C 111 -15.82 -14.05 20.34
CA ILE C 111 -16.83 -14.52 19.39
C ILE C 111 -17.56 -13.32 18.80
N SER C 112 -17.63 -13.27 17.48
CA SER C 112 -18.28 -12.17 16.78
C SER C 112 -19.51 -12.71 16.09
N GLU C 113 -20.63 -12.01 16.21
CA GLU C 113 -21.90 -12.49 15.68
C GLU C 113 -22.49 -11.39 14.83
N TYR C 114 -22.70 -11.68 13.55
CA TYR C 114 -23.22 -10.71 12.62
C TYR C 114 -24.51 -11.25 12.01
N SER C 115 -25.41 -10.35 11.68
CA SER C 115 -26.58 -10.79 10.95
C SER C 115 -26.93 -9.69 9.96
N LEU C 116 -27.16 -10.08 8.72
CA LEU C 116 -27.51 -9.17 7.66
C LEU C 116 -28.90 -9.56 7.18
N LYS C 117 -29.77 -8.56 6.97
CA LYS C 117 -31.11 -8.83 6.47
C LYS C 117 -31.06 -9.26 5.00
N LEU C 118 -31.98 -10.15 4.61
CA LEU C 118 -32.08 -10.65 3.25
C LEU C 118 -32.95 -9.73 2.37
N MET C 119 -32.81 -9.91 1.06
CA MET C 119 -33.64 -9.28 0.04
C MET C 119 -34.15 -10.36 -0.90
N ASP C 120 -35.31 -10.10 -1.53
CA ASP C 120 -35.77 -11.00 -2.58
C ASP C 120 -34.97 -10.74 -3.85
N ILE C 121 -34.37 -11.80 -4.41
CA ILE C 121 -33.69 -11.73 -5.69
C ILE C 121 -34.08 -12.93 -6.54
N ASP C 122 -34.20 -12.72 -7.86
CA ASP C 122 -34.58 -13.80 -8.79
C ASP C 122 -33.36 -14.64 -9.21
N MET C 131 -21.42 -28.98 -21.41
CA MET C 131 -21.27 -28.68 -22.83
C MET C 131 -20.10 -29.47 -23.44
N GLU C 132 -20.10 -29.53 -24.77
CA GLU C 132 -19.02 -30.07 -25.57
C GLU C 132 -18.07 -28.93 -25.98
N TYR C 133 -16.77 -29.17 -25.84
CA TYR C 133 -15.79 -28.13 -26.10
C TYR C 133 -14.74 -28.59 -27.10
N ASP C 134 -14.28 -27.63 -27.90
CA ASP C 134 -13.26 -27.91 -28.90
C ASP C 134 -11.87 -28.05 -28.26
N ALA C 135 -11.54 -27.23 -27.26
CA ALA C 135 -10.21 -27.31 -26.65
C ALA C 135 -10.26 -27.00 -25.16
N VAL C 136 -9.36 -27.62 -24.40
CA VAL C 136 -9.25 -27.41 -22.96
C VAL C 136 -7.79 -27.07 -22.61
N VAL C 137 -7.59 -25.91 -21.99
CA VAL C 137 -6.27 -25.49 -21.50
C VAL C 137 -6.23 -25.53 -19.98
N ASN C 138 -5.16 -26.11 -19.41
CA ASN C 138 -4.88 -26.01 -17.98
C ASN C 138 -3.55 -25.31 -17.75
N MET C 139 -3.55 -24.30 -16.90
CA MET C 139 -2.33 -23.53 -16.67
C MET C 139 -2.42 -22.90 -15.29
N PRO C 140 -1.31 -22.42 -14.75
CA PRO C 140 -1.40 -21.72 -13.46
C PRO C 140 -2.27 -20.48 -13.60
N SER C 141 -3.17 -20.33 -12.62
CA SER C 141 -4.03 -19.15 -12.59
C SER C 141 -3.21 -17.87 -12.43
N SER C 142 -2.09 -17.92 -11.70
CA SER C 142 -1.22 -16.75 -11.59
C SER C 142 -0.77 -16.29 -12.96
N ASP C 143 -0.32 -17.23 -13.79
CA ASP C 143 0.22 -16.85 -15.08
C ASP C 143 -0.88 -16.28 -15.97
N PHE C 144 -2.09 -16.86 -15.91
CA PHE C 144 -3.19 -16.31 -16.69
C PHE C 144 -3.61 -14.94 -16.17
N ALA C 145 -3.71 -14.77 -14.85
CA ALA C 145 -3.99 -13.46 -14.30
C ALA C 145 -2.96 -12.43 -14.79
N LYS C 146 -1.68 -12.79 -14.80
CA LYS C 146 -0.67 -11.79 -15.13
C LYS C 146 -0.81 -11.32 -16.57
N LEU C 147 -1.01 -12.27 -17.50
CA LEU C 147 -1.09 -11.90 -18.91
C LEU C 147 -2.35 -11.11 -19.23
N VAL C 148 -3.47 -11.43 -18.57
CA VAL C 148 -4.67 -10.62 -18.70
C VAL C 148 -4.38 -9.17 -18.30
N ARG C 149 -3.83 -8.96 -17.10
CA ARG C 149 -3.57 -7.59 -16.65
C ARG C 149 -2.59 -6.89 -17.56
N ASP C 150 -1.53 -7.59 -17.98
CA ASP C 150 -0.52 -6.97 -18.82
C ASP C 150 -1.09 -6.60 -20.18
N LEU C 151 -1.95 -7.44 -20.75
CA LEU C 151 -2.43 -7.15 -22.09
C LEU C 151 -3.65 -6.24 -22.07
N LYS C 152 -4.33 -6.12 -20.93
CA LYS C 152 -5.38 -5.13 -20.79
C LYS C 152 -4.84 -3.72 -20.99
N ASN C 153 -3.54 -3.52 -20.73
CA ASN C 153 -2.95 -2.21 -20.91
C ASN C 153 -2.87 -1.80 -22.38
N LEU C 154 -3.05 -2.72 -23.33
CA LEU C 154 -2.93 -2.32 -24.71
C LEU C 154 -4.24 -2.32 -25.47
N SER C 155 -5.27 -3.02 -25.01
CA SER C 155 -6.55 -2.95 -25.71
C SER C 155 -7.61 -3.51 -24.78
N GLU C 156 -8.84 -3.48 -25.27
CA GLU C 156 -9.99 -4.01 -24.54
C GLU C 156 -10.44 -5.40 -25.00
N SER C 157 -9.69 -6.09 -25.87
CA SER C 157 -10.07 -7.45 -26.24
C SER C 157 -8.85 -8.35 -26.41
N LEU C 158 -8.99 -9.60 -25.98
CA LEU C 158 -7.90 -10.55 -25.95
C LEU C 158 -8.22 -11.63 -26.97
N ARG C 159 -7.37 -11.80 -27.98
CA ARG C 159 -7.58 -12.89 -28.93
C ARG C 159 -6.91 -14.16 -28.39
N VAL C 160 -7.57 -15.30 -28.53
CA VAL C 160 -7.09 -16.56 -27.96
C VAL C 160 -7.05 -17.61 -29.06
N VAL C 161 -5.89 -18.20 -29.30
CA VAL C 161 -5.73 -19.12 -30.42
C VAL C 161 -5.03 -20.36 -29.91
N VAL C 162 -5.70 -21.51 -30.01
CA VAL C 162 -5.19 -22.74 -29.41
C VAL C 162 -4.97 -23.80 -30.48
N THR C 163 -3.76 -24.35 -30.51
CA THR C 163 -3.38 -25.47 -31.37
C THR C 163 -2.73 -26.54 -30.49
N LYS C 164 -2.45 -27.70 -31.11
CA LYS C 164 -1.89 -28.81 -30.36
C LYS C 164 -0.56 -28.42 -29.72
N ASP C 165 0.14 -27.45 -30.30
CA ASP C 165 1.51 -27.16 -29.88
C ASP C 165 1.63 -25.87 -29.09
N SER C 166 0.59 -25.04 -29.05
CA SER C 166 0.73 -23.76 -28.38
C SER C 166 -0.64 -23.14 -28.09
N VAL C 167 -0.63 -22.21 -27.11
CA VAL C 167 -1.69 -21.25 -26.84
C VAL C 167 -1.14 -19.85 -27.10
N LYS C 168 -1.90 -19.02 -27.82
CA LYS C 168 -1.43 -17.68 -28.17
C LYS C 168 -2.47 -16.63 -27.76
N PHE C 169 -2.08 -15.68 -26.93
CA PHE C 169 -2.92 -14.56 -26.51
C PHE C 169 -2.39 -13.28 -27.15
N THR C 170 -3.25 -12.54 -27.85
CA THR C 170 -2.86 -11.28 -28.50
C THR C 170 -3.85 -10.18 -28.17
N SER C 171 -3.37 -8.93 -28.22
CA SER C 171 -4.16 -7.75 -27.86
C SER C 171 -3.56 -6.55 -28.58
N GLU C 172 -4.36 -5.87 -29.40
CA GLU C 172 -3.89 -4.84 -30.32
C GLU C 172 -4.64 -3.55 -30.07
N GLY C 173 -3.91 -2.45 -29.94
CA GLY C 173 -4.51 -1.19 -29.59
C GLY C 173 -3.82 -0.08 -30.37
N ASP C 174 -4.19 1.17 -30.09
CA ASP C 174 -3.73 2.25 -30.96
C ASP C 174 -2.29 2.61 -30.66
N SER C 175 -1.89 2.45 -29.40
CA SER C 175 -0.47 2.51 -29.07
C SER C 175 0.29 1.37 -29.77
N GLY C 176 -0.07 0.13 -29.46
CA GLY C 176 0.64 -0.98 -30.05
C GLY C 176 -0.02 -2.29 -29.69
N SER C 177 0.58 -3.38 -30.17
CA SER C 177 0.09 -4.74 -30.01
C SER C 177 0.97 -5.51 -29.04
N GLY C 178 0.48 -6.64 -28.57
CA GLY C 178 1.33 -7.53 -27.80
C GLY C 178 0.77 -8.94 -27.82
N SER C 179 1.63 -9.94 -27.89
CA SER C 179 1.20 -11.33 -27.96
C SER C 179 1.97 -12.16 -26.94
N VAL C 180 1.31 -13.12 -26.28
CA VAL C 180 1.96 -14.00 -25.31
C VAL C 180 1.71 -15.42 -25.77
N ILE C 181 2.77 -16.21 -25.89
CA ILE C 181 2.68 -17.55 -26.48
C ILE C 181 3.18 -18.57 -25.46
N LEU C 182 2.34 -19.55 -25.13
CA LEU C 182 2.71 -20.56 -24.16
C LEU C 182 2.73 -21.93 -24.83
N LYS C 183 3.67 -22.78 -24.43
CA LYS C 183 3.75 -24.14 -24.96
C LYS C 183 3.44 -25.17 -23.86
N PRO C 184 2.91 -26.33 -24.22
CA PRO C 184 2.64 -27.37 -23.22
C PRO C 184 3.94 -27.83 -22.57
N TYR C 185 3.84 -28.19 -21.28
CA TYR C 185 4.94 -28.87 -20.60
C TYR C 185 4.33 -29.52 -19.37
N THR C 186 5.02 -30.53 -18.87
CA THR C 186 4.70 -31.15 -17.60
C THR C 186 5.74 -30.72 -16.60
N ASN C 187 5.31 -30.24 -15.45
CA ASN C 187 6.22 -29.86 -14.40
C ASN C 187 6.38 -31.06 -13.46
N LEU C 188 7.57 -31.67 -13.45
CA LEU C 188 7.75 -32.93 -12.72
C LEU C 188 7.76 -32.73 -11.20
N LYS C 189 8.15 -31.55 -10.72
CA LYS C 189 8.17 -31.35 -9.26
C LYS C 189 6.77 -31.08 -8.74
N ASN C 190 5.97 -30.29 -9.48
CA ASN C 190 4.62 -29.96 -9.04
C ASN C 190 3.71 -29.95 -10.27
N GLU C 191 2.94 -31.02 -10.43
CA GLU C 191 2.15 -31.19 -11.65
C GLU C 191 1.16 -30.05 -11.86
N ARG C 192 0.74 -29.37 -10.78
CA ARG C 192 -0.23 -28.29 -10.90
C ARG C 192 0.32 -27.10 -11.67
N GLU C 193 1.65 -26.93 -11.72
CA GLU C 193 2.28 -25.86 -12.48
C GLU C 193 2.47 -26.21 -13.96
N SER C 194 1.89 -27.31 -14.42
CA SER C 194 1.97 -27.68 -15.82
C SER C 194 1.13 -26.73 -16.68
N VAL C 195 1.36 -26.81 -17.99
CA VAL C 195 0.45 -26.26 -19.00
C VAL C 195 0.08 -27.42 -19.90
N THR C 196 -1.22 -27.67 -20.05
CA THR C 196 -1.70 -28.78 -20.84
C THR C 196 -2.72 -28.27 -21.84
N ILE C 197 -2.73 -28.88 -23.01
CA ILE C 197 -3.65 -28.56 -24.08
C ILE C 197 -4.20 -29.87 -24.62
N SER C 198 -5.50 -29.95 -24.79
CA SER C 198 -6.07 -31.11 -25.45
C SER C 198 -7.23 -30.61 -26.27
N LEU C 199 -7.20 -30.87 -27.57
CA LEU C 199 -8.19 -30.29 -28.47
C LEU C 199 -8.59 -31.32 -29.52
N ASP C 200 -9.86 -31.21 -29.93
CA ASP C 200 -10.34 -31.81 -31.18
C ASP C 200 -9.96 -30.91 -32.35
N ASP C 201 -10.44 -29.65 -32.33
CA ASP C 201 -10.25 -28.63 -33.36
C ASP C 201 -9.29 -27.56 -32.86
N PRO C 202 -8.62 -26.84 -33.76
CA PRO C 202 -8.05 -25.54 -33.37
C PRO C 202 -9.16 -24.55 -33.09
N VAL C 203 -8.82 -23.52 -32.29
CA VAL C 203 -9.79 -22.58 -31.74
C VAL C 203 -9.25 -21.17 -31.85
N ASP C 204 -10.12 -20.23 -32.24
CA ASP C 204 -9.74 -18.83 -32.44
C ASP C 204 -10.93 -17.99 -31.99
N LEU C 205 -10.87 -17.46 -30.77
CA LEU C 205 -11.94 -16.64 -30.22
C LEU C 205 -11.39 -15.40 -29.54
N THR C 206 -12.22 -14.35 -29.48
CA THR C 206 -11.86 -13.08 -28.86
C THR C 206 -12.82 -12.77 -27.72
N PHE C 207 -12.29 -12.19 -26.63
CA PHE C 207 -13.05 -11.93 -25.43
C PHE C 207 -12.75 -10.56 -24.91
N GLY C 208 -13.70 -9.99 -24.17
CA GLY C 208 -13.51 -8.65 -23.61
C GLY C 208 -12.63 -8.70 -22.37
N LEU C 209 -11.53 -7.94 -22.37
CA LEU C 209 -10.61 -7.96 -21.23
C LEU C 209 -11.16 -7.27 -19.99
N LYS C 210 -12.19 -6.43 -20.15
CA LYS C 210 -12.96 -5.95 -19.00
C LYS C 210 -13.44 -7.12 -18.14
N TYR C 211 -14.01 -8.13 -18.78
CA TYR C 211 -14.57 -9.25 -18.04
C TYR C 211 -13.48 -10.19 -17.57
N LEU C 212 -12.50 -10.49 -18.43
CA LEU C 212 -11.42 -11.36 -18.03
C LEU C 212 -10.72 -10.81 -16.80
N ASN C 213 -10.66 -9.49 -16.66
CA ASN C 213 -9.99 -8.89 -15.50
C ASN C 213 -10.74 -9.21 -14.21
N ASP C 214 -12.07 -9.34 -14.29
CA ASP C 214 -12.86 -9.75 -13.14
C ASP C 214 -12.70 -11.22 -12.86
N ILE C 215 -12.67 -12.03 -13.92
CA ILE C 215 -12.56 -13.46 -13.78
C ILE C 215 -11.28 -13.83 -13.03
N VAL C 216 -10.15 -13.22 -13.40
CA VAL C 216 -8.89 -13.71 -12.86
C VAL C 216 -8.71 -13.39 -11.38
N LYS C 217 -9.60 -12.58 -10.79
CA LYS C 217 -9.57 -12.36 -9.35
C LYS C 217 -9.80 -13.64 -8.58
N ALA C 218 -10.44 -14.63 -9.19
CA ALA C 218 -10.62 -15.94 -8.58
C ALA C 218 -9.33 -16.74 -8.49
N ALA C 219 -8.19 -16.20 -8.92
CA ALA C 219 -6.96 -16.98 -8.81
C ALA C 219 -6.57 -17.26 -7.36
N THR C 220 -7.20 -16.56 -6.41
CA THR C 220 -6.99 -16.86 -4.99
C THR C 220 -7.55 -18.21 -4.59
N LEU C 221 -8.57 -18.70 -5.31
CA LEU C 221 -9.22 -19.95 -4.93
C LEU C 221 -8.47 -21.20 -5.42
N SER C 222 -7.69 -21.10 -6.49
CA SER C 222 -7.02 -22.30 -6.96
C SER C 222 -5.72 -21.94 -7.68
N ASP C 223 -4.73 -22.83 -7.55
CA ASP C 223 -3.47 -22.76 -8.29
C ASP C 223 -3.71 -22.82 -9.78
N VAL C 224 -4.68 -23.63 -10.20
CA VAL C 224 -4.89 -24.02 -11.59
C VAL C 224 -6.16 -23.36 -12.11
N ILE C 225 -6.10 -22.83 -13.33
CA ILE C 225 -7.29 -22.43 -14.06
C ILE C 225 -7.48 -23.42 -15.21
N THR C 226 -8.71 -23.90 -15.37
CA THR C 226 -9.10 -24.69 -16.53
C THR C 226 -9.88 -23.79 -17.46
N ILE C 227 -9.46 -23.68 -18.71
CA ILE C 227 -10.14 -22.88 -19.72
C ILE C 227 -10.67 -23.83 -20.79
N LYS C 228 -11.99 -23.81 -21.01
CA LYS C 228 -12.63 -24.65 -22.02
C LYS C 228 -13.24 -23.75 -23.08
N LEU C 229 -12.89 -23.98 -24.34
CA LEU C 229 -13.29 -23.11 -25.45
C LEU C 229 -14.02 -23.92 -26.54
N ALA C 230 -15.02 -23.28 -27.15
CA ALA C 230 -15.76 -23.83 -28.27
C ALA C 230 -16.19 -22.68 -29.18
N ASP C 231 -16.24 -22.96 -30.49
CA ASP C 231 -16.54 -21.91 -31.47
C ASP C 231 -17.96 -21.39 -31.29
N LYS C 232 -18.08 -20.10 -31.10
CA LYS C 232 -19.37 -19.39 -30.96
C LYS C 232 -20.23 -19.76 -29.72
N THR C 233 -19.76 -20.63 -28.80
CA THR C 233 -20.37 -20.85 -27.47
C THR C 233 -19.57 -20.21 -26.34
N PRO C 234 -20.18 -19.99 -25.18
CA PRO C 234 -19.46 -19.35 -24.07
C PRO C 234 -18.30 -20.20 -23.57
N ALA C 235 -17.15 -19.54 -23.35
CA ALA C 235 -16.00 -20.19 -22.78
C ALA C 235 -16.16 -20.39 -21.27
N LEU C 236 -15.65 -21.52 -20.76
CA LEU C 236 -15.66 -21.81 -19.33
C LEU C 236 -14.29 -21.51 -18.73
N PHE C 237 -14.27 -20.71 -17.66
CA PHE C 237 -13.08 -20.49 -16.86
C PHE C 237 -13.34 -21.09 -15.49
N GLU C 238 -12.69 -22.21 -15.18
CA GLU C 238 -12.99 -22.98 -13.98
C GLU C 238 -11.87 -22.94 -12.96
N PHE C 239 -12.21 -22.64 -11.71
CA PHE C 239 -11.30 -22.67 -10.56
C PHE C 239 -11.80 -23.72 -9.57
N LYS C 240 -11.15 -24.88 -9.53
CA LYS C 240 -11.58 -25.96 -8.64
C LYS C 240 -10.98 -25.74 -7.26
N MET C 241 -11.82 -25.58 -6.23
CA MET C 241 -11.35 -25.45 -4.86
C MET C 241 -10.96 -26.80 -4.31
N GLN C 242 -9.75 -26.90 -3.75
CA GLN C 242 -9.24 -28.21 -3.37
C GLN C 242 -10.04 -28.78 -2.21
N SER C 243 -10.57 -27.91 -1.35
CA SER C 243 -11.42 -28.38 -0.27
C SER C 243 -12.68 -29.09 -0.76
N GLY C 244 -13.08 -28.88 -2.03
CA GLY C 244 -14.29 -29.51 -2.57
C GLY C 244 -15.40 -28.57 -3.05
N GLY C 245 -15.47 -28.31 -4.35
CA GLY C 245 -16.33 -27.27 -4.89
C GLY C 245 -15.63 -26.54 -6.02
N TYR C 246 -16.24 -25.46 -6.52
CA TYR C 246 -15.62 -24.77 -7.64
C TYR C 246 -16.17 -23.34 -7.75
N LEU C 247 -15.48 -22.51 -8.54
CA LEU C 247 -16.05 -21.25 -9.02
C LEU C 247 -15.90 -21.19 -10.53
N ARG C 248 -17.00 -20.99 -11.25
CA ARG C 248 -16.97 -21.06 -12.72
C ARG C 248 -17.45 -19.75 -13.31
N PHE C 249 -16.79 -19.32 -14.39
CA PHE C 249 -17.27 -18.17 -15.14
C PHE C 249 -17.54 -18.59 -16.58
N TYR C 250 -18.68 -18.17 -17.13
CA TYR C 250 -19.02 -18.43 -18.52
C TYR C 250 -19.08 -17.10 -19.26
N LEU C 251 -18.33 -17.00 -20.35
CA LEU C 251 -18.19 -15.73 -21.06
C LEU C 251 -18.33 -15.92 -22.57
N ALA C 252 -19.27 -15.21 -23.18
CA ALA C 252 -19.41 -15.33 -24.63
C ALA C 252 -18.26 -14.64 -25.35
N PRO C 253 -17.77 -15.23 -26.46
CA PRO C 253 -16.86 -14.49 -27.36
C PRO C 253 -17.55 -13.40 -28.17
N LYS C 254 -16.78 -12.68 -28.99
CA LYS C 254 -17.31 -11.50 -29.68
C LYS C 254 -17.69 -11.84 -31.11
#